data_8XBD
#
_entry.id   8XBD
#
_cell.length_a   69.278
_cell.length_b   114.286
_cell.length_c   110.478
_cell.angle_alpha   90.00
_cell.angle_beta   93.20
_cell.angle_gamma   90.00
#
_symmetry.space_group_name_H-M   'I 1 2 1'
#
loop_
_entity.id
_entity.type
_entity.pdbx_description
1 polymer 'GH18 chitinase-like superfamily protein'
2 water water
#
_entity_poly.entity_id   1
_entity_poly.type   'polypeptide(L)'
_entity_poly.pdbx_seq_one_letter_code
;NSLMSVGYFNGGGDVTAGPGGDIDKLDVRQITHLNYSFGLVYNDEKDETNAALKDPSKLHQIWLSPKVQADLQKIPSLRQ
QNPNLKVLLSVGGWGARGFSGAAATKETRAVFIQSAQAIIEKYGLDGIDLDWEYPVNGAWGLVASQPADRDNFTALLKEL
RAAVGNKKLVTIAVGANAESPKSWVDVKAIAPSLDYINLMTYDLAYGTQYFNSNLYDSTRWPTVAEADKYSADFIVNNYL
AAGLKPSQMNLGIGFYGRIPKRAVEPGIDWSKPDAQKNPATRPYFAAQQIELFESLGVDLTKDTYVKYNDIVAKLINDPQ
KRFTQHWDDEGKVPWLSVQSADGQALFALSYENPRSVAIKADYIKSKGLGGAMFWEYGADDQNQLAKQLAESLGIKRLEH
HHHHH
;
_entity_poly.pdbx_strand_id   B,A
#
# COMPACT_ATOMS: atom_id res chain seq x y z
N ASN A 1 -7.19 -15.97 -38.65
CA ASN A 1 -6.89 -15.68 -37.25
C ASN A 1 -5.82 -14.60 -37.10
N SER A 2 -6.24 -13.39 -36.74
CA SER A 2 -5.28 -12.33 -36.46
C SER A 2 -4.56 -12.63 -35.15
N LEU A 3 -3.68 -11.72 -34.74
CA LEU A 3 -2.82 -12.00 -33.62
C LEU A 3 -3.49 -11.65 -32.29
N MET A 4 -2.95 -12.20 -31.20
CA MET A 4 -3.38 -11.89 -29.85
C MET A 4 -2.52 -10.78 -29.24
N SER A 5 -3.13 -10.03 -28.32
CA SER A 5 -2.38 -9.18 -27.39
C SER A 5 -3.03 -9.29 -26.00
N VAL A 6 -2.37 -10.02 -25.11
CA VAL A 6 -2.85 -10.33 -23.76
C VAL A 6 -2.12 -9.40 -22.79
N GLY A 7 -2.82 -8.36 -22.33
CA GLY A 7 -2.27 -7.48 -21.32
C GLY A 7 -2.54 -7.96 -19.90
N TYR A 8 -1.49 -8.02 -19.10
CA TYR A 8 -1.66 -8.15 -17.67
C TYR A 8 -2.04 -6.81 -17.07
N PHE A 9 -2.98 -6.83 -16.13
CA PHE A 9 -3.14 -5.70 -15.23
C PHE A 9 -3.03 -6.24 -13.83
N ASN A 10 -2.04 -5.73 -13.10
CA ASN A 10 -1.75 -6.14 -11.74
C ASN A 10 -2.52 -5.27 -10.74
N GLY A 11 -3.85 -5.37 -10.83
CA GLY A 11 -4.69 -4.67 -9.86
C GLY A 11 -4.45 -5.12 -8.43
N GLY A 12 -4.18 -6.42 -8.24
CA GLY A 12 -3.98 -6.96 -6.90
C GLY A 12 -2.72 -6.47 -6.20
N GLY A 13 -1.72 -6.04 -6.97
CA GLY A 13 -0.49 -5.55 -6.40
C GLY A 13 -0.33 -4.05 -6.46
N ASP A 14 -1.37 -3.30 -6.85
CA ASP A 14 -1.28 -1.87 -7.08
C ASP A 14 -1.49 -1.08 -5.79
N VAL A 15 -0.44 -0.37 -5.36
CA VAL A 15 -0.52 0.46 -4.16
C VAL A 15 -0.19 1.89 -4.53
N THR A 16 -0.62 2.32 -5.72
CA THR A 16 -0.30 3.65 -6.22
C THR A 16 -1.42 4.60 -5.85
N ALA A 17 -1.03 5.82 -5.49
CA ALA A 17 -1.99 6.85 -5.14
C ALA A 17 -2.41 7.55 -6.42
N GLY A 18 -3.32 8.50 -6.32
CA GLY A 18 -3.79 9.16 -7.51
C GLY A 18 -5.25 8.83 -7.72
N PRO A 19 -6.07 9.85 -7.93
CA PRO A 19 -7.53 9.65 -7.87
C PRO A 19 -8.01 8.74 -8.99
N GLY A 20 -9.22 8.22 -8.79
CA GLY A 20 -9.92 7.34 -9.70
C GLY A 20 -9.54 5.88 -9.51
N GLY A 21 -10.51 5.00 -9.76
CA GLY A 21 -10.22 3.57 -9.81
C GLY A 21 -9.12 3.29 -10.82
N ASP A 22 -8.25 2.33 -10.47
CA ASP A 22 -7.08 2.11 -11.32
C ASP A 22 -7.41 1.29 -12.56
N ILE A 23 -8.49 0.52 -12.51
CA ILE A 23 -8.95 -0.19 -13.70
C ILE A 23 -9.49 0.81 -14.71
N ASP A 24 -10.16 1.87 -14.24
CA ASP A 24 -10.87 2.83 -15.07
C ASP A 24 -9.97 3.65 -15.97
N LYS A 25 -8.65 3.59 -15.80
CA LYS A 25 -7.76 4.35 -16.67
C LYS A 25 -6.98 3.44 -17.61
N LEU A 26 -7.43 2.20 -17.77
CA LEU A 26 -6.88 1.27 -18.74
C LEU A 26 -7.56 1.45 -20.08
N ASP A 27 -6.78 1.54 -21.14
CA ASP A 27 -7.35 1.56 -22.48
C ASP A 27 -7.39 0.11 -22.96
N VAL A 28 -8.55 -0.53 -22.87
CA VAL A 28 -8.61 -1.94 -23.18
C VAL A 28 -8.99 -2.15 -24.63
N ARG A 29 -8.97 -1.08 -25.43
CA ARG A 29 -9.15 -1.22 -26.87
C ARG A 29 -7.89 -1.72 -27.56
N GLN A 30 -6.73 -1.62 -26.90
CA GLN A 30 -5.45 -2.02 -27.46
C GLN A 30 -5.13 -3.50 -27.32
N ILE A 31 -5.93 -4.26 -26.56
CA ILE A 31 -5.62 -5.65 -26.26
C ILE A 31 -6.79 -6.52 -26.70
N THR A 32 -6.48 -7.79 -26.95
CA THR A 32 -7.50 -8.79 -27.22
C THR A 32 -7.92 -9.53 -25.97
N HIS A 33 -6.99 -9.73 -25.04
CA HIS A 33 -7.20 -10.45 -23.81
C HIS A 33 -6.61 -9.68 -22.64
N LEU A 34 -7.31 -9.71 -21.52
CA LEU A 34 -6.90 -9.04 -20.30
C LEU A 34 -6.76 -10.09 -19.21
N ASN A 35 -5.54 -10.24 -18.68
CA ASN A 35 -5.27 -11.12 -17.55
C ASN A 35 -5.31 -10.25 -16.31
N TYR A 36 -6.40 -10.32 -15.52
CA TYR A 36 -6.42 -9.56 -14.27
C TYR A 36 -5.65 -10.32 -13.21
N SER A 37 -4.76 -9.60 -12.51
CA SER A 37 -3.77 -10.17 -11.62
C SER A 37 -3.91 -9.56 -10.23
N PHE A 38 -3.91 -10.40 -9.21
CA PHE A 38 -3.77 -11.86 -9.08
C PHE A 38 -4.77 -12.40 -8.06
N GLY A 39 -5.40 -13.54 -8.36
CA GLY A 39 -5.86 -14.39 -7.29
C GLY A 39 -4.69 -15.12 -6.66
N LEU A 40 -4.78 -15.37 -5.35
CA LEU A 40 -3.80 -16.16 -4.62
C LEU A 40 -4.43 -17.49 -4.26
N VAL A 41 -3.66 -18.34 -3.59
CA VAL A 41 -4.10 -19.69 -3.26
C VAL A 41 -3.99 -19.88 -1.75
N TYR A 42 -5.13 -20.13 -1.09
CA TYR A 42 -5.12 -20.55 0.31
C TYR A 42 -4.16 -21.71 0.50
N ASN A 43 -3.34 -21.64 1.54
CA ASN A 43 -2.24 -22.60 1.59
C ASN A 43 -1.75 -22.72 3.02
N ASP A 44 -1.17 -23.88 3.34
CA ASP A 44 -0.63 -24.10 4.67
C ASP A 44 0.89 -24.18 4.64
N GLU A 45 1.53 -23.67 3.59
CA GLU A 45 2.98 -23.60 3.59
C GLU A 45 3.44 -22.78 4.79
N LYS A 46 4.42 -23.30 5.53
CA LYS A 46 4.69 -22.69 6.82
C LYS A 46 5.32 -21.31 6.70
N ASP A 47 6.00 -21.05 5.58
CA ASP A 47 6.63 -19.75 5.38
C ASP A 47 5.65 -18.71 4.85
N GLU A 48 4.37 -19.03 4.72
CA GLU A 48 3.41 -18.09 4.21
C GLU A 48 3.19 -16.96 5.20
N THR A 49 3.23 -15.72 4.73
CA THR A 49 3.06 -14.57 5.60
C THR A 49 1.75 -13.83 5.39
N ASN A 50 0.90 -14.29 4.47
CA ASN A 50 -0.44 -13.70 4.33
C ASN A 50 -1.36 -14.56 5.16
N ALA A 51 -1.67 -14.11 6.39
CA ALA A 51 -2.49 -14.91 7.29
C ALA A 51 -3.84 -15.24 6.68
N ALA A 52 -4.42 -14.33 5.88
CA ALA A 52 -5.73 -14.58 5.31
C ALA A 52 -5.73 -15.84 4.45
N LEU A 53 -4.56 -16.21 3.92
CA LEU A 53 -4.42 -17.45 3.15
C LEU A 53 -4.42 -18.71 4.02
N LYS A 54 -4.25 -18.55 5.35
CA LYS A 54 -4.07 -19.67 6.26
C LYS A 54 -5.39 -20.21 6.83
N ASP A 55 -6.53 -19.73 6.34
CA ASP A 55 -7.82 -20.24 6.76
C ASP A 55 -7.89 -21.74 6.51
N PRO A 56 -7.93 -22.57 7.56
CA PRO A 56 -7.89 -24.03 7.35
C PRO A 56 -9.08 -24.53 6.58
N SER A 57 -10.23 -23.86 6.69
CA SER A 57 -11.43 -24.32 6.04
C SER A 57 -11.43 -24.06 4.54
N LYS A 58 -10.51 -23.24 4.03
CA LYS A 58 -10.53 -22.87 2.62
C LYS A 58 -9.28 -23.32 1.91
N LEU A 59 -8.45 -24.13 2.55
CA LEU A 59 -7.19 -24.60 1.99
C LEU A 59 -7.36 -25.12 0.58
N HIS A 60 -6.48 -24.67 -0.33
CA HIS A 60 -6.38 -25.03 -1.74
C HIS A 60 -7.38 -24.27 -2.59
N GLN A 61 -8.28 -23.48 -2.02
CA GLN A 61 -9.12 -22.61 -2.82
C GLN A 61 -8.36 -21.36 -3.22
N ILE A 62 -9.01 -20.54 -4.05
CA ILE A 62 -8.45 -19.28 -4.53
C ILE A 62 -8.92 -18.15 -3.62
N TRP A 63 -8.00 -17.26 -3.27
CA TRP A 63 -8.30 -16.11 -2.43
C TRP A 63 -8.31 -14.85 -3.28
N LEU A 64 -9.40 -14.08 -3.18
CA LEU A 64 -9.53 -12.80 -3.85
C LEU A 64 -9.58 -11.71 -2.78
N SER A 65 -8.57 -10.84 -2.76
CA SER A 65 -8.59 -9.71 -1.85
C SER A 65 -9.81 -8.84 -2.15
N PRO A 66 -10.30 -8.10 -1.15
CA PRO A 66 -11.45 -7.21 -1.42
C PRO A 66 -11.19 -6.25 -2.57
N LYS A 67 -9.96 -5.73 -2.70
CA LYS A 67 -9.61 -4.92 -3.86
C LYS A 67 -9.88 -5.64 -5.17
N VAL A 68 -9.45 -6.90 -5.26
CA VAL A 68 -9.60 -7.65 -6.51
C VAL A 68 -11.07 -7.95 -6.80
N GLN A 69 -11.86 -8.21 -5.76
CA GLN A 69 -13.30 -8.38 -5.96
C GLN A 69 -13.95 -7.11 -6.50
N ALA A 70 -13.56 -5.94 -5.99
CA ALA A 70 -14.18 -4.70 -6.48
C ALA A 70 -13.82 -4.46 -7.93
N ASP A 71 -12.61 -4.83 -8.34
CA ASP A 71 -12.25 -4.67 -9.74
C ASP A 71 -13.03 -5.66 -10.61
N LEU A 72 -13.02 -6.95 -10.23
CA LEU A 72 -13.68 -7.95 -11.06
C LEU A 72 -15.15 -7.60 -11.28
N GLN A 73 -15.77 -6.90 -10.33
CA GLN A 73 -17.18 -6.54 -10.48
C GLN A 73 -17.39 -5.51 -11.58
N LYS A 74 -16.35 -4.78 -11.96
CA LYS A 74 -16.44 -3.77 -13.00
C LYS A 74 -16.05 -4.28 -14.37
N ILE A 75 -15.93 -5.61 -14.55
CA ILE A 75 -15.75 -6.17 -15.90
C ILE A 75 -16.78 -5.66 -16.88
N PRO A 76 -18.09 -5.64 -16.57
CA PRO A 76 -19.07 -5.17 -17.58
C PRO A 76 -18.70 -3.83 -18.17
N SER A 77 -18.12 -2.93 -17.38
CA SER A 77 -17.77 -1.64 -17.95
C SER A 77 -16.56 -1.75 -18.87
N LEU A 78 -15.70 -2.75 -18.65
CA LEU A 78 -14.64 -3.02 -19.60
C LEU A 78 -15.19 -3.58 -20.92
N ARG A 79 -16.16 -4.51 -20.83
CA ARG A 79 -16.73 -5.06 -22.06
C ARG A 79 -17.43 -3.99 -22.88
N GLN A 80 -18.00 -2.96 -22.23
CA GLN A 80 -18.54 -1.84 -22.99
C GLN A 80 -17.44 -1.10 -23.74
N GLN A 81 -16.26 -0.99 -23.12
CA GLN A 81 -15.15 -0.29 -23.77
C GLN A 81 -14.66 -1.06 -24.98
N ASN A 82 -14.65 -2.38 -24.92
CA ASN A 82 -14.15 -3.21 -26.02
C ASN A 82 -15.02 -4.46 -26.08
N PRO A 83 -16.05 -4.48 -26.92
CA PRO A 83 -16.98 -5.61 -26.93
C PRO A 83 -16.33 -6.95 -27.24
N ASN A 84 -15.16 -6.96 -27.87
CA ASN A 84 -14.50 -8.21 -28.19
C ASN A 84 -13.51 -8.69 -27.12
N LEU A 85 -13.37 -7.94 -26.03
CA LEU A 85 -12.35 -8.25 -25.05
C LEU A 85 -12.68 -9.54 -24.32
N LYS A 86 -11.66 -10.34 -24.09
CA LYS A 86 -11.74 -11.52 -23.26
C LYS A 86 -11.04 -11.23 -21.92
N VAL A 87 -11.71 -11.53 -20.81
CA VAL A 87 -11.18 -11.24 -19.47
C VAL A 87 -10.94 -12.53 -18.70
N LEU A 88 -9.71 -12.71 -18.23
CA LEU A 88 -9.31 -13.87 -17.44
C LEU A 88 -8.84 -13.40 -16.08
N LEU A 89 -8.99 -14.26 -15.08
CA LEU A 89 -8.33 -14.06 -13.80
C LEU A 89 -7.02 -14.83 -13.82
N SER A 90 -5.92 -14.13 -13.53
CA SER A 90 -4.64 -14.81 -13.36
C SER A 90 -4.48 -15.18 -11.90
N VAL A 91 -4.14 -16.45 -11.66
CA VAL A 91 -3.94 -16.93 -10.30
C VAL A 91 -2.46 -17.26 -10.14
N GLY A 92 -1.87 -16.80 -9.04
CA GLY A 92 -0.49 -17.13 -8.74
C GLY A 92 0.44 -15.94 -8.75
N GLY A 93 1.48 -16.00 -9.58
CA GLY A 93 2.48 -14.95 -9.65
C GLY A 93 3.75 -15.31 -8.90
N TRP A 94 4.69 -14.38 -8.98
CA TRP A 94 5.95 -14.55 -8.27
C TRP A 94 5.72 -14.64 -6.77
N GLY A 95 6.36 -15.62 -6.13
CA GLY A 95 6.21 -15.84 -4.70
C GLY A 95 4.87 -16.39 -4.23
N ALA A 96 3.92 -16.65 -5.14
CA ALA A 96 2.60 -17.12 -4.71
C ALA A 96 2.66 -18.60 -4.32
N ARG A 97 2.26 -18.91 -3.10
CA ARG A 97 2.39 -20.25 -2.56
C ARG A 97 1.13 -21.05 -2.82
N GLY A 98 1.20 -22.36 -2.58
CA GLY A 98 0.03 -23.20 -2.50
C GLY A 98 -0.30 -24.03 -3.72
N PHE A 99 0.38 -23.80 -4.85
CA PHE A 99 0.06 -24.59 -6.03
C PHE A 99 0.46 -26.05 -5.84
N SER A 100 1.64 -26.33 -5.29
CA SER A 100 2.07 -27.72 -5.15
C SER A 100 1.08 -28.52 -4.29
N GLY A 101 0.67 -27.95 -3.15
CA GLY A 101 -0.33 -28.61 -2.32
C GLY A 101 -1.69 -28.72 -2.99
N ALA A 102 -2.11 -27.68 -3.71
CA ALA A 102 -3.42 -27.76 -4.36
C ALA A 102 -3.41 -28.76 -5.50
N ALA A 103 -2.23 -29.08 -6.04
CA ALA A 103 -2.14 -29.95 -7.19
C ALA A 103 -1.89 -31.41 -6.82
N ALA A 104 -1.69 -31.71 -5.53
CA ALA A 104 -1.09 -32.98 -5.14
C ALA A 104 -1.94 -34.18 -5.54
N THR A 105 -3.26 -34.11 -5.40
CA THR A 105 -4.15 -35.22 -5.73
C THR A 105 -5.36 -34.72 -6.49
N LYS A 106 -6.14 -35.69 -6.99
CA LYS A 106 -7.43 -35.40 -7.60
C LYS A 106 -8.34 -34.63 -6.65
N GLU A 107 -8.33 -34.97 -5.36
CA GLU A 107 -9.25 -34.31 -4.42
C GLU A 107 -8.84 -32.88 -4.14
N THR A 108 -7.55 -32.65 -3.84
CA THR A 108 -7.10 -31.27 -3.63
C THR A 108 -7.26 -30.45 -4.90
N ARG A 109 -6.96 -31.05 -6.06
CA ARG A 109 -7.20 -30.35 -7.33
C ARG A 109 -8.65 -29.96 -7.49
N ALA A 110 -9.58 -30.81 -6.98
CA ALA A 110 -11.00 -30.56 -7.16
C ALA A 110 -11.48 -29.39 -6.29
N VAL A 111 -10.90 -29.26 -5.09
CA VAL A 111 -11.16 -28.08 -4.28
C VAL A 111 -10.73 -26.84 -5.06
N PHE A 112 -9.53 -26.87 -5.63
CA PHE A 112 -9.06 -25.73 -6.41
C PHE A 112 -10.00 -25.45 -7.57
N ILE A 113 -10.43 -26.51 -8.27
CA ILE A 113 -11.17 -26.35 -9.50
C ILE A 113 -12.56 -25.80 -9.21
N GLN A 114 -13.20 -26.28 -8.14
CA GLN A 114 -14.51 -25.79 -7.76
C GLN A 114 -14.47 -24.30 -7.45
N SER A 115 -13.38 -23.86 -6.82
CA SER A 115 -13.18 -22.45 -6.53
C SER A 115 -13.05 -21.64 -7.82
N ALA A 116 -12.30 -22.17 -8.80
CA ALA A 116 -12.15 -21.49 -10.08
C ALA A 116 -13.49 -21.35 -10.80
N GLN A 117 -14.27 -22.45 -10.87
CA GLN A 117 -15.57 -22.42 -11.53
C GLN A 117 -16.50 -21.40 -10.88
N ALA A 118 -16.46 -21.31 -9.55
CA ALA A 118 -17.32 -20.39 -8.82
C ALA A 118 -16.94 -18.95 -9.11
N ILE A 119 -15.65 -18.65 -9.04
CA ILE A 119 -15.19 -17.31 -9.37
C ILE A 119 -15.55 -16.95 -10.81
N ILE A 120 -15.35 -17.87 -11.76
CA ILE A 120 -15.68 -17.61 -13.17
C ILE A 120 -17.16 -17.30 -13.35
N GLU A 121 -18.01 -18.03 -12.65
CA GLU A 121 -19.44 -17.80 -12.84
C GLU A 121 -19.88 -16.56 -12.08
N LYS A 122 -19.29 -16.31 -10.92
CA LYS A 122 -19.73 -15.19 -10.12
C LYS A 122 -19.46 -13.86 -10.84
N TYR A 123 -18.33 -13.74 -11.53
CA TYR A 123 -17.96 -12.48 -12.17
C TYR A 123 -18.12 -12.50 -13.69
N GLY A 124 -18.65 -13.57 -14.26
CA GLY A 124 -18.74 -13.66 -15.71
C GLY A 124 -17.40 -13.58 -16.40
N LEU A 125 -16.40 -14.28 -15.87
CA LEU A 125 -15.08 -14.27 -16.49
C LEU A 125 -15.07 -15.07 -17.78
N ASP A 126 -14.19 -14.69 -18.70
CA ASP A 126 -14.06 -15.52 -19.89
C ASP A 126 -13.19 -16.75 -19.64
N GLY A 127 -12.38 -16.76 -18.59
CA GLY A 127 -11.53 -17.90 -18.33
C GLY A 127 -10.57 -17.64 -17.19
N ILE A 128 -9.62 -18.56 -17.05
CA ILE A 128 -8.66 -18.48 -15.98
C ILE A 128 -7.26 -18.68 -16.54
N ASP A 129 -6.28 -18.06 -15.89
CA ASP A 129 -4.87 -18.13 -16.26
C ASP A 129 -4.08 -18.54 -15.03
N LEU A 130 -3.29 -19.61 -15.13
CA LEU A 130 -2.51 -20.08 -13.99
C LEU A 130 -1.03 -19.71 -14.13
N ASP A 131 -0.50 -19.04 -13.11
CA ASP A 131 0.87 -18.55 -13.08
C ASP A 131 1.61 -19.18 -11.90
N TRP A 132 2.10 -20.39 -12.10
CA TRP A 132 2.75 -21.17 -11.05
C TRP A 132 4.25 -21.00 -11.23
N GLU A 133 4.89 -20.35 -10.28
CA GLU A 133 6.29 -19.96 -10.41
C GLU A 133 7.10 -20.58 -9.28
N TYR A 134 7.54 -21.82 -9.46
CA TYR A 134 7.36 -22.72 -10.59
C TYR A 134 7.21 -24.15 -10.08
N PRO A 135 6.55 -25.01 -10.85
CA PRO A 135 6.46 -26.43 -10.47
C PRO A 135 7.83 -27.09 -10.49
N VAL A 136 8.02 -28.06 -9.57
CA VAL A 136 9.27 -28.82 -9.40
C VAL A 136 10.40 -27.95 -8.83
N ASN A 137 10.75 -26.89 -9.56
CA ASN A 137 11.85 -26.06 -9.13
C ASN A 137 11.48 -25.21 -7.91
N GLY A 138 10.22 -24.77 -7.82
CA GLY A 138 9.79 -24.03 -6.64
C GLY A 138 10.35 -22.64 -6.52
N ALA A 139 10.79 -22.05 -7.64
CA ALA A 139 11.48 -20.76 -7.65
C ALA A 139 12.67 -20.78 -6.68
N TRP A 140 13.49 -21.82 -6.82
CA TRP A 140 14.67 -22.01 -5.99
C TRP A 140 14.33 -21.90 -4.51
N GLY A 141 13.33 -22.68 -4.08
CA GLY A 141 12.98 -22.77 -2.68
C GLY A 141 12.08 -21.68 -2.17
N LEU A 142 11.65 -20.75 -3.01
CA LEU A 142 10.82 -19.64 -2.53
C LEU A 142 9.38 -20.07 -2.27
N VAL A 143 8.91 -21.11 -2.97
CA VAL A 143 7.61 -21.68 -2.71
C VAL A 143 7.82 -23.19 -2.65
N ALA A 144 6.91 -23.87 -1.96
CA ALA A 144 7.06 -25.32 -1.81
C ALA A 144 6.92 -25.99 -3.17
N SER A 145 7.57 -27.14 -3.32
CA SER A 145 7.60 -27.85 -4.59
C SER A 145 8.04 -29.29 -4.38
N GLN A 146 7.78 -30.12 -5.39
CA GLN A 146 8.15 -31.52 -5.34
C GLN A 146 8.21 -32.04 -6.76
N PRO A 147 8.95 -33.13 -7.00
CA PRO A 147 8.95 -33.74 -8.35
C PRO A 147 7.58 -34.04 -8.92
N ALA A 148 6.61 -34.38 -8.08
CA ALA A 148 5.31 -34.73 -8.65
C ALA A 148 4.58 -33.51 -9.21
N ASP A 149 5.14 -32.30 -9.03
CA ASP A 149 4.50 -31.08 -9.54
C ASP A 149 4.22 -31.15 -11.04
N ARG A 150 5.16 -31.70 -11.82
CA ARG A 150 5.01 -31.70 -13.26
C ARG A 150 3.74 -32.44 -13.69
N ASP A 151 3.63 -33.71 -13.28
CA ASP A 151 2.45 -34.47 -13.69
C ASP A 151 1.20 -33.99 -12.96
N ASN A 152 1.36 -33.49 -11.74
CA ASN A 152 0.20 -32.93 -11.05
C ASN A 152 -0.33 -31.70 -11.78
N PHE A 153 0.56 -30.86 -12.30
CA PHE A 153 0.14 -29.70 -13.08
C PHE A 153 -0.65 -30.13 -14.32
N THR A 154 -0.13 -31.12 -15.05
CA THR A 154 -0.85 -31.64 -16.21
C THR A 154 -2.25 -32.09 -15.82
N ALA A 155 -2.36 -32.83 -14.73
CA ALA A 155 -3.68 -33.31 -14.31
C ALA A 155 -4.58 -32.15 -13.96
N LEU A 156 -4.04 -31.14 -13.31
CA LEU A 156 -4.84 -29.98 -12.96
C LEU A 156 -5.44 -29.32 -14.20
N LEU A 157 -4.60 -29.05 -15.20
CA LEU A 157 -5.10 -28.39 -16.40
C LEU A 157 -6.17 -29.22 -17.09
N LYS A 158 -5.92 -30.53 -17.25
CA LYS A 158 -6.92 -31.43 -17.83
C LYS A 158 -8.22 -31.35 -17.07
N GLU A 159 -8.14 -31.44 -15.74
CA GLU A 159 -9.34 -31.50 -14.91
C GLU A 159 -9.98 -30.13 -14.77
N LEU A 160 -9.19 -29.06 -14.82
CA LEU A 160 -9.78 -27.73 -14.93
C LEU A 160 -10.54 -27.59 -16.24
N ARG A 161 -9.92 -28.00 -17.36
CA ARG A 161 -10.60 -27.95 -18.65
C ARG A 161 -11.91 -28.72 -18.63
N ALA A 162 -11.88 -29.97 -18.12
CA ALA A 162 -13.10 -30.76 -18.03
C ALA A 162 -14.20 -30.01 -17.28
N ALA A 163 -13.84 -29.29 -16.21
CA ALA A 163 -14.87 -28.60 -15.45
C ALA A 163 -15.41 -27.41 -16.23
N VAL A 164 -14.53 -26.51 -16.68
CA VAL A 164 -15.02 -25.25 -17.21
C VAL A 164 -15.62 -25.45 -18.59
N GLY A 165 -15.31 -26.54 -19.26
CA GLY A 165 -15.84 -26.76 -20.59
C GLY A 165 -14.95 -26.19 -21.68
N ASN A 166 -15.42 -26.39 -22.91
CA ASN A 166 -14.64 -26.18 -24.11
C ASN A 166 -14.70 -24.76 -24.67
N LYS A 167 -15.47 -23.86 -24.06
CA LYS A 167 -15.53 -22.48 -24.52
C LYS A 167 -14.72 -21.54 -23.65
N LYS A 168 -14.78 -21.72 -22.32
CA LYS A 168 -13.97 -20.93 -21.40
C LYS A 168 -12.48 -21.11 -21.71
N LEU A 169 -11.70 -20.06 -21.44
CA LEU A 169 -10.26 -20.06 -21.66
C LEU A 169 -9.49 -20.60 -20.45
N VAL A 170 -8.55 -21.51 -20.70
CA VAL A 170 -7.55 -21.89 -19.71
C VAL A 170 -6.18 -21.59 -20.30
N THR A 171 -5.38 -20.80 -19.60
CA THR A 171 -4.06 -20.46 -20.09
C THR A 171 -3.06 -20.54 -18.94
N ILE A 172 -1.78 -20.53 -19.28
CA ILE A 172 -0.72 -20.53 -18.28
C ILE A 172 0.41 -19.66 -18.78
N ALA A 173 1.21 -19.19 -17.81
CA ALA A 173 2.50 -18.56 -18.05
C ALA A 173 3.59 -19.57 -17.73
N VAL A 174 4.70 -19.50 -18.46
CA VAL A 174 5.80 -20.45 -18.30
C VAL A 174 7.11 -19.68 -18.21
N GLY A 175 8.09 -20.32 -17.57
CA GLY A 175 9.31 -19.64 -17.23
C GLY A 175 10.33 -19.54 -18.35
N ALA A 176 11.22 -18.57 -18.17
CA ALA A 176 12.33 -18.36 -19.09
C ALA A 176 13.30 -19.53 -19.06
N ASN A 177 13.48 -20.15 -17.88
CA ASN A 177 14.54 -21.13 -17.68
C ASN A 177 14.49 -22.27 -18.70
N ALA A 178 15.67 -22.65 -19.20
CA ALA A 178 15.71 -23.77 -20.13
C ALA A 178 15.17 -25.04 -19.50
N GLU A 179 15.39 -25.20 -18.19
CA GLU A 179 14.92 -26.39 -17.51
C GLU A 179 13.41 -26.53 -17.58
N SER A 180 12.69 -25.42 -17.75
CA SER A 180 11.24 -25.44 -17.52
C SER A 180 10.52 -26.41 -18.44
N PRO A 181 10.66 -26.34 -19.76
CA PRO A 181 10.03 -27.36 -20.60
C PRO A 181 10.71 -28.71 -20.51
N LYS A 182 11.93 -28.80 -19.97
CA LYS A 182 12.59 -30.10 -19.86
C LYS A 182 11.97 -30.94 -18.76
N SER A 183 11.85 -30.38 -17.55
CA SER A 183 11.41 -31.20 -16.42
C SER A 183 10.43 -30.53 -15.46
N TRP A 184 10.12 -29.24 -15.61
CA TRP A 184 9.11 -28.63 -14.73
C TRP A 184 7.70 -28.76 -15.30
N VAL A 185 7.53 -28.51 -16.59
CA VAL A 185 6.22 -28.42 -17.21
C VAL A 185 6.19 -29.41 -18.37
N ASP A 186 5.13 -30.22 -18.43
CA ASP A 186 5.01 -31.27 -19.43
C ASP A 186 4.28 -30.64 -20.60
N VAL A 187 5.10 -30.07 -21.48
CA VAL A 187 4.66 -29.15 -22.50
C VAL A 187 3.73 -29.83 -23.50
N LYS A 188 4.05 -31.05 -23.91
CA LYS A 188 3.22 -31.69 -24.94
C LYS A 188 1.94 -32.24 -24.37
N ALA A 189 1.94 -32.63 -23.10
CA ALA A 189 0.75 -33.22 -22.49
C ALA A 189 -0.29 -32.16 -22.16
N ILE A 190 0.12 -30.96 -21.80
CA ILE A 190 -0.84 -29.94 -21.42
C ILE A 190 -1.42 -29.18 -22.61
N ALA A 191 -0.70 -29.15 -23.74
CA ALA A 191 -1.06 -28.27 -24.85
C ALA A 191 -2.50 -28.40 -25.32
N PRO A 192 -3.08 -29.60 -25.48
CA PRO A 192 -4.45 -29.65 -25.98
C PRO A 192 -5.50 -29.17 -24.99
N SER A 193 -5.16 -29.01 -23.71
CA SER A 193 -6.08 -28.42 -22.74
C SER A 193 -6.07 -26.90 -22.76
N LEU A 194 -5.09 -26.28 -23.41
CA LEU A 194 -4.84 -24.85 -23.26
C LEU A 194 -5.12 -24.08 -24.54
N ASP A 195 -5.80 -22.94 -24.40
CA ASP A 195 -5.97 -22.05 -25.56
C ASP A 195 -4.62 -21.52 -26.04
N TYR A 196 -3.74 -21.13 -25.13
CA TYR A 196 -2.44 -20.60 -25.50
C TYR A 196 -1.59 -20.52 -24.25
N ILE A 197 -0.31 -20.22 -24.46
CA ILE A 197 0.70 -20.23 -23.41
C ILE A 197 1.53 -18.96 -23.51
N ASN A 198 1.59 -18.21 -22.41
CA ASN A 198 2.31 -16.95 -22.39
C ASN A 198 3.71 -17.22 -21.86
N LEU A 199 4.72 -16.81 -22.63
CA LEU A 199 6.11 -17.05 -22.26
C LEU A 199 6.63 -15.84 -21.49
N MET A 200 7.31 -16.08 -20.38
CA MET A 200 7.84 -15.00 -19.54
C MET A 200 9.25 -14.67 -20.02
N THR A 201 9.30 -14.12 -21.23
CA THR A 201 10.52 -13.83 -21.96
C THR A 201 11.17 -12.54 -21.50
N TYR A 202 11.39 -12.43 -20.19
CA TYR A 202 11.93 -11.25 -19.54
C TYR A 202 12.39 -11.65 -18.14
N ASP A 203 12.73 -10.66 -17.32
CA ASP A 203 13.38 -10.88 -16.02
C ASP A 203 14.67 -11.70 -16.19
N LEU A 204 15.44 -11.36 -17.20
CA LEU A 204 16.70 -12.03 -17.48
C LEU A 204 17.91 -11.35 -16.84
N ALA A 205 17.71 -10.22 -16.16
CA ALA A 205 18.84 -9.43 -15.65
C ALA A 205 19.32 -9.94 -14.28
N TYR A 206 19.82 -11.18 -14.26
CA TYR A 206 20.23 -11.81 -13.00
C TYR A 206 21.55 -12.53 -13.19
N GLY A 207 22.22 -12.78 -12.07
CA GLY A 207 23.49 -13.45 -12.14
C GLY A 207 24.49 -12.58 -12.87
N THR A 208 24.99 -13.08 -13.99
CA THR A 208 26.04 -12.43 -14.74
C THR A 208 25.56 -11.75 -16.02
N GLN A 209 24.25 -11.76 -16.26
CA GLN A 209 23.67 -11.12 -17.43
C GLN A 209 23.25 -9.68 -17.13
N TYR A 210 23.52 -8.79 -18.09
CA TYR A 210 23.15 -7.38 -17.97
C TYR A 210 21.71 -7.13 -18.40
N PHE A 211 21.31 -7.68 -19.54
CA PHE A 211 20.04 -7.28 -20.13
C PHE A 211 18.88 -8.05 -19.51
N ASN A 212 17.75 -7.38 -19.37
CA ASN A 212 16.58 -7.96 -18.73
C ASN A 212 15.60 -8.56 -19.72
N SER A 213 15.67 -8.16 -20.98
CA SER A 213 14.70 -8.66 -21.95
C SER A 213 15.24 -8.51 -23.37
N ASN A 214 16.54 -8.74 -23.54
CA ASN A 214 17.11 -8.71 -24.87
C ASN A 214 16.46 -9.76 -25.76
N LEU A 215 16.22 -9.37 -27.02
CA LEU A 215 15.65 -10.29 -28.00
C LEU A 215 16.66 -11.33 -28.46
N TYR A 216 17.91 -10.90 -28.67
CA TYR A 216 19.04 -11.78 -28.99
C TYR A 216 20.20 -11.45 -28.05
N ASP A 217 21.29 -12.20 -28.17
CA ASP A 217 22.45 -11.94 -27.32
C ASP A 217 23.16 -10.66 -27.75
N SER A 218 23.77 -10.00 -26.77
CA SER A 218 24.61 -8.83 -27.01
C SER A 218 26.08 -9.15 -26.77
N THR A 219 26.91 -8.85 -27.76
CA THR A 219 28.35 -9.07 -27.64
C THR A 219 29.05 -7.89 -26.96
N ARG A 220 28.50 -6.69 -27.06
CA ARG A 220 29.07 -5.58 -26.30
C ARG A 220 28.94 -5.79 -24.79
N TRP A 221 27.82 -6.35 -24.35
CA TRP A 221 27.54 -6.58 -22.93
C TRP A 221 27.29 -8.08 -22.72
N PRO A 222 28.32 -8.91 -22.88
CA PRO A 222 28.09 -10.35 -22.84
C PRO A 222 27.83 -10.82 -21.43
N THR A 223 27.16 -11.97 -21.35
CA THR A 223 26.96 -12.65 -20.09
C THR A 223 28.07 -13.67 -19.92
N VAL A 224 28.62 -13.75 -18.70
CA VAL A 224 29.80 -14.56 -18.46
C VAL A 224 29.42 -16.02 -18.23
N ALA A 225 28.61 -16.27 -17.19
CA ALA A 225 28.27 -17.63 -16.79
C ALA A 225 27.32 -18.28 -17.77
N GLU A 226 27.57 -19.56 -18.09
CA GLU A 226 26.80 -20.27 -19.11
C GLU A 226 25.35 -20.43 -18.70
N ALA A 227 25.11 -20.76 -17.44
CA ALA A 227 23.74 -20.94 -16.96
C ALA A 227 22.91 -19.66 -17.07
N ASP A 228 23.55 -18.50 -17.27
CA ASP A 228 22.84 -17.23 -17.27
C ASP A 228 22.54 -16.67 -18.64
N LYS A 229 23.05 -17.28 -19.71
CA LYS A 229 22.92 -16.67 -21.04
C LYS A 229 21.50 -16.89 -21.54
N TYR A 230 20.72 -15.81 -21.62
CA TYR A 230 19.33 -15.92 -22.01
C TYR A 230 18.96 -14.76 -22.94
N SER A 231 17.95 -15.03 -23.77
CA SER A 231 17.38 -14.06 -24.69
C SER A 231 16.00 -14.58 -25.10
N ALA A 232 15.10 -13.65 -25.39
CA ALA A 232 13.76 -14.05 -25.81
C ALA A 232 13.81 -15.12 -26.90
N ASP A 233 14.63 -14.89 -27.93
CA ASP A 233 14.73 -15.84 -29.03
C ASP A 233 15.17 -17.21 -28.54
N PHE A 234 16.13 -17.24 -27.61
CA PHE A 234 16.58 -18.51 -27.10
C PHE A 234 15.46 -19.23 -26.35
N ILE A 235 14.64 -18.47 -25.61
CA ILE A 235 13.52 -19.07 -24.89
C ILE A 235 12.47 -19.58 -25.86
N VAL A 236 12.13 -18.80 -26.88
CA VAL A 236 11.12 -19.26 -27.83
C VAL A 236 11.57 -20.55 -28.49
N ASN A 237 12.86 -20.65 -28.85
CA ASN A 237 13.34 -21.85 -29.51
C ASN A 237 13.34 -23.05 -28.57
N ASN A 238 13.66 -22.84 -27.30
CA ASN A 238 13.57 -23.91 -26.32
C ASN A 238 12.17 -24.52 -26.32
N TYR A 239 11.15 -23.67 -26.23
CA TYR A 239 9.79 -24.19 -26.12
C TYR A 239 9.31 -24.81 -27.42
N LEU A 240 9.82 -24.34 -28.57
CA LEU A 240 9.53 -25.01 -29.84
C LEU A 240 10.21 -26.38 -29.89
N ALA A 241 11.47 -26.45 -29.48
CA ALA A 241 12.16 -27.73 -29.35
C ALA A 241 11.37 -28.72 -28.51
N ALA A 242 10.80 -28.27 -27.38
CA ALA A 242 10.03 -29.17 -26.54
C ALA A 242 8.69 -29.57 -27.15
N GLY A 243 8.24 -28.92 -28.23
CA GLY A 243 7.08 -29.40 -28.95
C GLY A 243 5.91 -28.45 -29.10
N LEU A 244 5.97 -27.20 -28.61
CA LEU A 244 4.85 -26.28 -28.74
C LEU A 244 4.75 -25.72 -30.17
N LYS A 245 3.54 -25.75 -30.73
CA LYS A 245 3.29 -25.06 -31.99
C LYS A 245 3.47 -23.56 -31.76
N PRO A 246 4.12 -22.86 -32.69
CA PRO A 246 4.33 -21.41 -32.53
C PRO A 246 3.04 -20.65 -32.29
N SER A 247 1.99 -20.97 -33.05
CA SER A 247 0.73 -20.24 -32.97
C SER A 247 0.05 -20.38 -31.61
N GLN A 248 0.55 -21.24 -30.72
CA GLN A 248 -0.02 -21.39 -29.40
C GLN A 248 0.73 -20.56 -28.36
N MET A 249 1.80 -19.88 -28.75
CA MET A 249 2.65 -19.11 -27.85
C MET A 249 2.47 -17.60 -28.05
N ASN A 250 2.34 -16.88 -26.94
CA ASN A 250 2.46 -15.42 -26.93
C ASN A 250 3.83 -15.06 -26.37
N LEU A 251 4.51 -14.17 -27.08
CA LEU A 251 5.79 -13.65 -26.63
C LEU A 251 5.55 -12.60 -25.55
N GLY A 252 6.13 -12.83 -24.38
CA GLY A 252 5.98 -11.87 -23.29
C GLY A 252 6.88 -10.67 -23.52
N ILE A 253 6.33 -9.50 -23.23
CA ILE A 253 7.01 -8.21 -23.37
C ILE A 253 6.86 -7.49 -22.04
N GLY A 254 7.99 -7.06 -21.46
CA GLY A 254 7.96 -6.35 -20.19
C GLY A 254 7.90 -4.84 -20.33
N PHE A 255 6.79 -4.24 -19.88
CA PHE A 255 6.69 -2.79 -19.89
C PHE A 255 7.47 -2.21 -18.70
N TYR A 256 8.73 -2.61 -18.55
CA TYR A 256 9.53 -2.22 -17.38
C TYR A 256 10.99 -2.56 -17.65
N GLY A 257 11.86 -2.17 -16.70
CA GLY A 257 13.26 -2.55 -16.74
C GLY A 257 13.72 -3.03 -15.38
N ARG A 258 14.99 -3.47 -15.33
CA ARG A 258 15.61 -3.90 -14.07
C ARG A 258 17.05 -3.45 -14.01
N ILE A 259 17.45 -2.93 -12.85
CA ILE A 259 18.86 -2.89 -12.52
C ILE A 259 19.35 -4.34 -12.51
N PRO A 260 20.38 -4.69 -13.30
CA PRO A 260 20.93 -6.05 -13.22
C PRO A 260 21.52 -6.35 -11.85
N LYS A 261 21.43 -7.63 -11.44
CA LYS A 261 22.01 -8.04 -10.16
C LYS A 261 23.52 -7.80 -10.14
N ARG A 262 24.17 -8.04 -11.28
CA ARG A 262 25.61 -7.89 -11.44
C ARG A 262 26.10 -6.52 -11.01
N ALA A 263 25.24 -5.50 -11.01
CA ALA A 263 25.63 -4.19 -10.53
C ALA A 263 25.65 -4.08 -9.01
N VAL A 264 24.98 -4.98 -8.29
CA VAL A 264 24.83 -4.83 -6.84
C VAL A 264 25.22 -6.08 -6.05
N GLU A 265 25.33 -7.24 -6.68
CA GLU A 265 25.75 -8.49 -6.07
C GLU A 265 26.79 -9.17 -6.94
N PRO A 266 27.74 -9.91 -6.34
CA PRO A 266 28.66 -10.70 -7.17
C PRO A 266 27.91 -11.80 -7.90
N GLY A 267 28.34 -12.08 -9.12
CA GLY A 267 27.70 -13.08 -9.95
C GLY A 267 28.46 -14.39 -9.91
N ILE A 268 27.79 -15.42 -9.40
CA ILE A 268 28.43 -16.72 -9.16
C ILE A 268 28.17 -17.64 -10.35
N ASP A 269 29.18 -18.43 -10.71
CA ASP A 269 29.07 -19.46 -11.72
C ASP A 269 29.13 -20.80 -10.98
N TRP A 270 27.96 -21.40 -10.78
CA TRP A 270 27.86 -22.74 -10.19
C TRP A 270 28.23 -23.82 -11.22
N PRO A 279 33.81 -15.62 -7.31
CA PRO A 279 32.81 -14.77 -7.99
C PRO A 279 33.20 -14.53 -9.44
N ALA A 280 32.24 -14.67 -10.35
CA ALA A 280 32.51 -14.47 -11.77
C ALA A 280 32.34 -13.02 -12.21
N THR A 281 31.47 -12.26 -11.54
CA THR A 281 31.34 -10.82 -11.75
C THR A 281 31.27 -10.12 -10.40
N ARG A 282 31.70 -8.86 -10.38
CA ARG A 282 31.67 -8.10 -9.16
C ARG A 282 30.82 -6.84 -9.32
N PRO A 283 30.17 -6.39 -8.25
CA PRO A 283 29.30 -5.22 -8.37
C PRO A 283 30.07 -3.94 -8.67
N TYR A 284 29.50 -3.11 -9.56
CA TYR A 284 30.10 -1.84 -9.90
C TYR A 284 29.29 -0.65 -9.41
N PHE A 285 28.16 -0.90 -8.74
CA PHE A 285 27.45 0.18 -8.05
C PHE A 285 28.12 0.48 -6.72
N ALA A 286 28.47 1.73 -6.50
CA ALA A 286 28.96 2.13 -5.19
C ALA A 286 27.78 2.59 -4.35
N ALA A 287 28.07 3.01 -3.12
CA ALA A 287 27.01 3.52 -2.25
C ALA A 287 26.25 4.65 -2.93
N GLN A 288 26.96 5.47 -3.72
CA GLN A 288 26.35 6.58 -4.42
C GLN A 288 25.25 6.10 -5.38
N GLN A 289 25.52 5.02 -6.12
CA GLN A 289 24.53 4.56 -7.09
C GLN A 289 23.31 3.98 -6.38
N ILE A 290 23.56 3.25 -5.29
CA ILE A 290 22.48 2.68 -4.50
C ILE A 290 21.62 3.78 -3.90
N GLU A 291 22.26 4.81 -3.32
CA GLU A 291 21.50 5.90 -2.74
C GLU A 291 20.72 6.65 -3.81
N LEU A 292 21.34 6.86 -4.98
CA LEU A 292 20.65 7.48 -6.11
C LEU A 292 19.32 6.80 -6.37
N PHE A 293 19.34 5.49 -6.57
CA PHE A 293 18.12 4.77 -6.88
C PHE A 293 17.18 4.74 -5.68
N GLU A 294 17.72 4.76 -4.46
CA GLU A 294 16.88 4.87 -3.28
C GLU A 294 16.11 6.18 -3.30
N SER A 295 16.75 7.27 -3.73
CA SER A 295 16.11 8.58 -3.76
C SER A 295 15.00 8.68 -4.79
N LEU A 296 14.87 7.70 -5.68
CA LEU A 296 13.89 7.71 -6.74
C LEU A 296 12.78 6.68 -6.52
N GLY A 297 12.77 6.00 -5.39
CA GLY A 297 11.76 5.01 -5.10
C GLY A 297 12.14 3.59 -5.44
N VAL A 298 13.43 3.31 -5.60
CA VAL A 298 13.91 2.01 -6.09
C VAL A 298 14.88 1.50 -5.04
N ASP A 299 14.38 0.71 -4.09
CA ASP A 299 15.20 0.17 -3.01
C ASP A 299 15.82 -1.11 -3.53
N LEU A 300 17.10 -1.04 -3.90
CA LEU A 300 17.73 -2.18 -4.56
C LEU A 300 17.99 -3.34 -3.61
N THR A 301 18.05 -3.09 -2.30
CA THR A 301 18.10 -4.19 -1.35
C THR A 301 16.80 -4.99 -1.33
N LYS A 302 15.73 -4.44 -1.89
CA LYS A 302 14.44 -5.11 -1.98
C LYS A 302 14.18 -5.67 -3.36
N ASP A 303 14.33 -4.87 -4.41
CA ASP A 303 13.98 -5.32 -5.75
C ASP A 303 14.65 -4.41 -6.77
N THR A 304 14.82 -4.96 -7.97
CA THR A 304 15.49 -4.28 -9.06
C THR A 304 14.53 -3.74 -10.10
N TYR A 305 13.21 -3.79 -9.84
CA TYR A 305 12.17 -3.53 -10.84
C TYR A 305 11.88 -2.04 -10.96
N VAL A 306 11.69 -1.56 -12.19
CA VAL A 306 11.35 -0.15 -12.45
C VAL A 306 10.25 -0.09 -13.50
N LYS A 307 9.08 0.43 -13.14
CA LYS A 307 8.01 0.51 -14.13
C LYS A 307 8.41 1.47 -15.23
N TYR A 308 7.89 1.22 -16.44
CA TYR A 308 8.23 2.06 -17.58
C TYR A 308 7.81 3.50 -17.34
N ASN A 309 6.62 3.73 -16.79
CA ASN A 309 6.22 5.11 -16.55
C ASN A 309 7.13 5.79 -15.53
N ASP A 310 7.71 5.00 -14.60
CA ASP A 310 8.69 5.58 -13.70
C ASP A 310 10.03 5.80 -14.40
N ILE A 311 10.38 4.95 -15.36
CA ILE A 311 11.62 5.15 -16.12
C ILE A 311 11.55 6.45 -16.88
N VAL A 312 10.43 6.66 -17.57
CA VAL A 312 10.23 7.90 -18.32
C VAL A 312 10.29 9.11 -17.40
N ALA A 313 9.43 9.12 -16.37
CA ALA A 313 9.19 10.35 -15.64
C ALA A 313 10.35 10.69 -14.72
N LYS A 314 10.99 9.68 -14.13
CA LYS A 314 11.97 9.93 -13.09
C LYS A 314 13.41 9.76 -13.53
N LEU A 315 13.68 8.87 -14.48
CA LEU A 315 15.04 8.64 -14.94
C LEU A 315 15.33 9.43 -16.21
N ILE A 316 14.57 9.15 -17.27
CA ILE A 316 14.79 9.83 -18.54
C ILE A 316 14.52 11.33 -18.38
N ASN A 317 13.44 11.69 -17.70
CA ASN A 317 13.11 13.10 -17.51
C ASN A 317 13.60 13.64 -16.17
N ASP A 318 14.56 12.97 -15.54
CA ASP A 318 15.12 13.38 -14.25
C ASP A 318 15.50 14.87 -14.28
N PRO A 319 14.90 15.71 -13.41
CA PRO A 319 15.30 17.13 -13.39
C PRO A 319 16.79 17.31 -13.20
N GLN A 320 17.44 16.37 -12.52
CA GLN A 320 18.88 16.42 -12.33
C GLN A 320 19.66 15.85 -13.52
N LYS A 321 18.97 15.26 -14.51
CA LYS A 321 19.59 14.85 -15.77
C LYS A 321 20.78 13.91 -15.53
N ARG A 322 20.61 12.97 -14.60
CA ARG A 322 21.71 12.07 -14.27
C ARG A 322 21.79 10.84 -15.17
N PHE A 323 20.76 10.56 -15.97
CA PHE A 323 20.69 9.31 -16.71
C PHE A 323 20.85 9.57 -18.20
N THR A 324 21.53 8.65 -18.89
CA THR A 324 21.79 8.76 -20.31
C THR A 324 21.15 7.59 -21.06
N GLN A 325 20.52 7.86 -22.19
CA GLN A 325 19.91 6.81 -22.98
C GLN A 325 20.89 6.15 -23.93
N HIS A 326 20.78 4.83 -24.05
CA HIS A 326 21.60 4.05 -24.95
C HIS A 326 20.71 3.03 -25.65
N TRP A 327 21.22 2.49 -26.75
CA TRP A 327 20.55 1.43 -27.50
C TRP A 327 21.54 0.34 -27.87
N ASP A 328 21.22 -0.91 -27.55
CA ASP A 328 21.99 -2.07 -28.01
C ASP A 328 21.30 -2.68 -29.22
N ASP A 329 21.94 -2.60 -30.39
CA ASP A 329 21.30 -3.11 -31.60
C ASP A 329 21.57 -4.58 -31.86
N GLU A 330 22.35 -5.26 -31.02
CA GLU A 330 22.31 -6.72 -31.04
C GLU A 330 21.21 -7.26 -30.12
N GLY A 331 21.11 -6.75 -28.89
CA GLY A 331 20.02 -7.16 -28.02
C GLY A 331 18.67 -6.64 -28.48
N LYS A 332 18.66 -5.53 -29.24
CA LYS A 332 17.45 -4.89 -29.74
C LYS A 332 16.65 -4.21 -28.62
N VAL A 333 17.32 -3.65 -27.61
CA VAL A 333 16.64 -2.98 -26.49
C VAL A 333 17.39 -1.75 -25.98
N PRO A 334 16.70 -0.78 -25.38
CA PRO A 334 17.40 0.35 -24.76
C PRO A 334 17.92 0.03 -23.36
N TRP A 335 18.98 0.76 -22.99
CA TRP A 335 19.46 0.76 -21.60
C TRP A 335 19.90 2.16 -21.20
N LEU A 336 19.87 2.43 -19.90
CA LEU A 336 20.32 3.70 -19.35
C LEU A 336 21.67 3.51 -18.67
N SER A 337 22.43 4.59 -18.62
CA SER A 337 23.68 4.63 -17.86
C SER A 337 23.65 5.80 -16.90
N VAL A 338 24.33 5.61 -15.76
CA VAL A 338 24.72 6.71 -14.89
C VAL A 338 26.24 6.74 -14.85
N GLN A 339 26.76 7.88 -14.42
CA GLN A 339 28.20 8.11 -14.37
C GLN A 339 28.80 7.70 -13.02
N SER A 340 29.88 6.94 -13.08
CA SER A 340 30.64 6.61 -11.89
C SER A 340 31.31 7.85 -11.30
N ALA A 341 31.85 7.69 -10.10
CA ALA A 341 32.62 8.76 -9.48
C ALA A 341 33.83 9.13 -10.34
N ASP A 342 34.49 8.14 -10.93
CA ASP A 342 35.61 8.39 -11.82
C ASP A 342 35.18 8.58 -13.28
N GLY A 343 33.89 8.82 -13.52
CA GLY A 343 33.45 9.36 -14.79
C GLY A 343 33.31 8.39 -15.94
N GLN A 344 33.04 7.12 -15.66
CA GLN A 344 32.71 6.20 -16.73
C GLN A 344 31.21 5.90 -16.69
N ALA A 345 30.70 5.42 -17.82
CA ALA A 345 29.28 5.12 -17.95
C ALA A 345 29.02 3.74 -17.40
N LEU A 346 28.21 3.67 -16.34
CA LEU A 346 27.85 2.41 -15.70
C LEU A 346 26.51 1.93 -16.22
N PHE A 347 26.45 0.67 -16.61
CA PHE A 347 25.21 0.04 -17.09
C PHE A 347 24.20 -0.01 -15.95
N ALA A 348 23.23 0.91 -15.96
CA ALA A 348 22.26 1.04 -14.87
C ALA A 348 21.06 0.09 -15.03
N LEU A 349 20.44 0.04 -16.21
CA LEU A 349 19.32 -0.87 -16.41
C LEU A 349 18.98 -0.94 -17.90
N SER A 350 18.45 -2.09 -18.33
CA SER A 350 17.82 -2.18 -19.64
C SER A 350 16.31 -2.28 -19.45
N TYR A 351 15.58 -1.89 -20.48
CA TYR A 351 14.12 -1.83 -20.43
C TYR A 351 13.59 -2.04 -21.84
N GLU A 352 12.36 -1.56 -22.08
CA GLU A 352 11.71 -1.59 -23.38
C GLU A 352 11.15 -0.20 -23.68
N ASN A 353 11.22 0.20 -24.94
CA ASN A 353 10.68 1.50 -25.32
C ASN A 353 9.88 1.26 -26.60
N PRO A 354 9.26 2.28 -27.23
CA PRO A 354 8.41 1.96 -28.40
C PRO A 354 9.18 1.28 -29.52
N ARG A 355 10.43 1.68 -29.73
CA ARG A 355 11.31 1.01 -30.69
C ARG A 355 11.38 -0.49 -30.40
N SER A 356 11.81 -0.86 -29.21
CA SER A 356 12.05 -2.27 -28.93
C SER A 356 10.74 -3.06 -28.88
N VAL A 357 9.63 -2.41 -28.52
CA VAL A 357 8.33 -3.07 -28.59
C VAL A 357 7.97 -3.36 -30.05
N ALA A 358 8.04 -2.33 -30.91
CA ALA A 358 7.73 -2.53 -32.32
C ALA A 358 8.57 -3.65 -32.92
N ILE A 359 9.80 -3.82 -32.44
CA ILE A 359 10.67 -4.86 -32.98
C ILE A 359 10.24 -6.24 -32.49
N LYS A 360 9.84 -6.36 -31.22
CA LYS A 360 9.36 -7.66 -30.76
C LYS A 360 8.06 -8.06 -31.43
N ALA A 361 7.20 -7.10 -31.78
CA ALA A 361 6.01 -7.43 -32.55
C ALA A 361 6.40 -7.97 -33.92
N ASP A 362 7.34 -7.30 -34.60
CA ASP A 362 7.85 -7.80 -35.88
C ASP A 362 8.35 -9.23 -35.75
N TYR A 363 9.05 -9.52 -34.66
CA TYR A 363 9.52 -10.87 -34.39
C TYR A 363 8.34 -11.81 -34.18
N ILE A 364 7.26 -11.32 -33.57
CA ILE A 364 6.10 -12.18 -33.40
C ILE A 364 5.54 -12.56 -34.75
N LYS A 365 5.32 -11.57 -35.62
CA LYS A 365 4.80 -11.85 -36.96
C LYS A 365 5.70 -12.81 -37.72
N SER A 366 7.01 -12.53 -37.75
CA SER A 366 7.86 -13.32 -38.63
C SER A 366 8.19 -14.70 -38.05
N LYS A 367 8.22 -14.85 -36.72
CA LYS A 367 8.27 -16.20 -36.16
C LYS A 367 6.95 -16.96 -36.25
N GLY A 368 5.85 -16.32 -36.64
CA GLY A 368 4.56 -16.99 -36.63
C GLY A 368 4.01 -17.29 -35.25
N LEU A 369 4.26 -16.43 -34.26
CA LEU A 369 3.75 -16.76 -32.94
C LEU A 369 2.27 -16.37 -32.84
N GLY A 370 1.66 -16.74 -31.71
CA GLY A 370 0.24 -16.50 -31.52
C GLY A 370 -0.10 -15.05 -31.26
N GLY A 371 0.87 -14.29 -30.78
CA GLY A 371 0.67 -12.90 -30.46
C GLY A 371 1.67 -12.48 -29.40
N ALA A 372 1.32 -11.43 -28.67
CA ALA A 372 2.13 -10.94 -27.58
C ALA A 372 1.37 -11.05 -26.27
N MET A 373 2.12 -11.13 -25.18
CA MET A 373 1.61 -10.86 -23.84
C MET A 373 2.48 -9.75 -23.27
N PHE A 374 1.93 -8.90 -22.41
CA PHE A 374 2.81 -7.95 -21.73
C PHE A 374 2.50 -7.86 -20.24
N TRP A 375 3.55 -7.56 -19.48
CA TRP A 375 3.48 -7.19 -18.06
C TRP A 375 3.98 -5.78 -17.88
N GLU A 376 3.11 -4.86 -17.47
CA GLU A 376 1.67 -4.90 -17.32
C GLU A 376 1.18 -3.47 -17.45
N TYR A 377 -0.14 -3.36 -17.65
CA TYR A 377 -0.77 -2.07 -17.94
C TYR A 377 -0.36 -0.98 -16.96
N GLY A 378 -0.23 -1.32 -15.68
CA GLY A 378 0.10 -0.30 -14.69
C GLY A 378 1.49 0.27 -14.84
N ALA A 379 2.43 -0.47 -15.43
CA ALA A 379 3.76 0.07 -15.65
C ALA A 379 3.86 0.89 -16.93
N ASP A 380 2.84 0.82 -17.77
CA ASP A 380 2.86 1.56 -19.03
C ASP A 380 2.67 3.06 -18.75
N ASP A 381 2.98 3.86 -19.75
CA ASP A 381 2.92 5.31 -19.65
C ASP A 381 1.80 5.81 -20.56
N GLN A 382 0.64 6.08 -19.96
CA GLN A 382 -0.56 6.49 -20.69
C GLN A 382 -0.87 5.52 -21.83
N ASN A 383 -0.71 4.22 -21.55
CA ASN A 383 -0.96 3.17 -22.52
C ASN A 383 -0.06 3.26 -23.75
N GLN A 384 1.11 3.93 -23.68
CA GLN A 384 1.90 4.15 -24.88
C GLN A 384 2.45 2.85 -25.45
N LEU A 385 3.14 2.04 -24.62
CA LEU A 385 3.69 0.78 -25.11
C LEU A 385 2.60 -0.17 -25.59
N ALA A 386 1.45 -0.21 -24.90
CA ALA A 386 0.35 -1.05 -25.37
C ALA A 386 -0.16 -0.58 -26.73
N LYS A 387 -0.21 0.73 -26.95
CA LYS A 387 -0.63 1.27 -28.24
C LYS A 387 0.39 0.94 -29.31
N GLN A 388 1.67 1.14 -29.02
CA GLN A 388 2.70 0.76 -29.96
C GLN A 388 2.55 -0.72 -30.34
N LEU A 389 2.33 -1.56 -29.33
CA LEU A 389 2.24 -3.00 -29.57
C LEU A 389 1.04 -3.32 -30.45
N ALA A 390 -0.09 -2.67 -30.20
CA ALA A 390 -1.28 -2.96 -31.01
C ALA A 390 -1.06 -2.51 -32.45
N GLU A 391 -0.49 -1.32 -32.64
CA GLU A 391 -0.23 -0.84 -33.98
C GLU A 391 0.66 -1.83 -34.74
N SER A 392 1.86 -2.07 -34.21
CA SER A 392 2.82 -2.95 -34.87
C SER A 392 2.26 -4.34 -35.16
N LEU A 393 1.37 -4.86 -34.30
CA LEU A 393 0.77 -6.16 -34.56
C LEU A 393 -0.39 -6.11 -35.55
N GLY A 394 -0.92 -4.93 -35.89
CA GLY A 394 -2.06 -4.86 -36.77
C GLY A 394 -3.41 -5.12 -36.11
N ILE A 395 -3.50 -4.96 -34.79
CA ILE A 395 -4.73 -5.23 -34.06
C ILE A 395 -5.76 -4.14 -34.35
N LYS A 396 -6.97 -4.54 -34.72
CA LYS A 396 -8.10 -3.61 -34.80
C LYS A 396 -9.28 -4.16 -34.00
N ASN B 1 17.55 13.92 3.87
CA ASN B 1 16.66 13.72 5.01
C ASN B 1 15.54 12.75 4.62
N SER B 2 15.63 11.53 5.15
CA SER B 2 14.64 10.51 4.84
C SER B 2 13.28 10.93 5.39
N LEU B 3 12.29 10.06 5.23
CA LEU B 3 10.92 10.41 5.57
C LEU B 3 10.61 10.12 7.04
N MET B 4 9.61 10.80 7.57
CA MET B 4 9.21 10.66 8.95
C MET B 4 8.07 9.66 9.09
N SER B 5 8.09 8.91 10.19
CA SER B 5 6.92 8.16 10.65
C SER B 5 6.74 8.42 12.14
N VAL B 6 5.70 9.19 12.49
CA VAL B 6 5.47 9.65 13.86
C VAL B 6 4.31 8.83 14.42
N GLY B 7 4.64 7.89 15.32
CA GLY B 7 3.62 7.05 15.95
C GLY B 7 3.16 7.58 17.30
N TYR B 8 1.86 7.77 17.43
CA TYR B 8 1.24 7.97 18.72
C TYR B 8 1.19 6.64 19.46
N PHE B 9 1.44 6.68 20.77
CA PHE B 9 1.05 5.61 21.66
C PHE B 9 0.28 6.22 22.80
N ASN B 10 -1.00 5.82 22.92
CA ASN B 10 -1.93 6.40 23.88
C ASN B 10 -1.87 5.66 25.21
N GLY B 11 -0.68 5.67 25.80
CA GLY B 11 -0.49 5.05 27.10
C GLY B 11 -1.43 5.55 28.17
N GLY B 12 -1.77 6.85 28.14
CA GLY B 12 -2.60 7.39 29.19
C GLY B 12 -4.03 6.94 29.13
N GLY B 13 -4.46 6.40 27.99
CA GLY B 13 -5.83 5.96 27.85
C GLY B 13 -5.93 4.46 27.73
N ASP B 14 -4.87 3.73 28.11
CA ASP B 14 -4.83 2.29 27.92
C ASP B 14 -5.48 1.60 29.12
N VAL B 15 -6.60 0.91 28.88
CA VAL B 15 -7.30 0.24 29.98
C VAL B 15 -7.36 -1.25 29.68
N THR B 16 -6.32 -1.76 29.01
CA THR B 16 -6.27 -3.12 28.51
C THR B 16 -5.55 -4.00 29.52
N ALA B 17 -6.02 -5.23 29.66
CA ALA B 17 -5.31 -6.24 30.42
C ALA B 17 -4.27 -6.91 29.53
N GLY B 18 -3.49 -7.81 30.09
CA GLY B 18 -2.45 -8.41 29.30
C GLY B 18 -1.10 -8.19 29.94
N PRO B 19 -0.41 -9.27 30.26
CA PRO B 19 0.74 -9.18 31.17
C PRO B 19 1.86 -8.34 30.57
N GLY B 20 2.66 -7.76 31.45
CA GLY B 20 3.79 -6.95 31.03
C GLY B 20 3.42 -5.50 30.83
N GLY B 21 4.34 -4.61 31.21
CA GLY B 21 4.20 -3.20 30.95
C GLY B 21 4.03 -2.97 29.46
N ASP B 22 3.03 -2.17 29.08
CA ASP B 22 2.68 -2.06 27.68
C ASP B 22 3.70 -1.23 26.91
N ILE B 23 4.56 -0.47 27.61
CA ILE B 23 5.64 0.25 26.94
C ILE B 23 6.70 -0.74 26.47
N ASP B 24 7.02 -1.74 27.29
CA ASP B 24 7.94 -2.82 26.91
C ASP B 24 7.43 -3.68 25.76
N LYS B 25 6.21 -3.47 25.28
CA LYS B 25 5.70 -4.16 24.10
C LYS B 25 5.63 -3.26 22.89
N LEU B 26 6.20 -2.07 22.97
CA LEU B 26 6.25 -1.21 21.81
C LEU B 26 7.43 -1.63 20.94
N ASP B 27 7.14 -1.95 19.69
CA ASP B 27 8.21 -2.10 18.70
C ASP B 27 8.45 -0.74 18.07
N VAL B 28 9.31 0.05 18.69
CA VAL B 28 9.59 1.38 18.17
C VAL B 28 10.62 1.37 17.03
N ARG B 29 10.91 0.19 16.46
CA ARG B 29 11.88 0.17 15.36
C ARG B 29 11.25 0.58 14.03
N GLN B 30 9.94 0.73 13.97
CA GLN B 30 9.21 1.06 12.76
C GLN B 30 8.98 2.55 12.60
N ILE B 31 9.42 3.37 13.56
CA ILE B 31 9.08 4.79 13.56
C ILE B 31 10.33 5.61 13.75
N THR B 32 10.21 6.89 13.43
CA THR B 32 11.27 7.85 13.70
C THR B 32 10.97 8.69 14.93
N HIS B 33 9.67 8.87 15.24
CA HIS B 33 9.21 9.69 16.33
C HIS B 33 8.07 9.00 17.04
N LEU B 34 8.11 9.01 18.36
CA LEU B 34 7.03 8.55 19.21
C LEU B 34 6.36 9.76 19.86
N ASN B 35 5.02 9.84 19.75
CA ASN B 35 4.21 10.78 20.53
C ASN B 35 3.54 10.00 21.64
N TYR B 36 4.04 10.15 22.88
CA TYR B 36 3.36 9.54 24.00
C TYR B 36 2.18 10.41 24.44
N SER B 37 1.02 9.78 24.58
CA SER B 37 -0.27 10.43 24.75
C SER B 37 -0.87 10.02 26.08
N PHE B 38 -1.39 10.97 26.85
CA PHE B 38 -1.45 12.43 26.78
C PHE B 38 -1.06 13.03 28.13
N GLY B 39 -0.33 14.13 28.11
CA GLY B 39 -0.45 15.09 29.18
C GLY B 39 -1.75 15.86 29.05
N LEU B 40 -2.30 16.28 30.18
CA LEU B 40 -3.49 17.10 30.22
C LEU B 40 -3.11 18.45 30.80
N VAL B 41 -4.07 19.35 30.92
CA VAL B 41 -3.77 20.71 31.36
C VAL B 41 -4.62 21.01 32.57
N TYR B 42 -3.97 21.37 33.68
CA TYR B 42 -4.72 21.87 34.83
C TYR B 42 -5.50 23.09 34.40
N ASN B 43 -6.79 23.12 34.74
CA ASN B 43 -7.65 24.16 34.19
C ASN B 43 -8.78 24.43 35.16
N ASP B 44 -9.40 25.60 34.99
CA ASP B 44 -10.55 25.99 35.79
C ASP B 44 -11.82 26.06 34.95
N GLU B 45 -11.85 25.38 33.80
CA GLU B 45 -13.08 25.30 33.02
C GLU B 45 -14.16 24.60 33.83
N LYS B 46 -15.33 25.24 33.89
CA LYS B 46 -16.38 24.83 34.82
C LYS B 46 -16.91 23.43 34.54
N ASP B 47 -16.89 22.97 33.29
CA ASP B 47 -17.41 21.65 32.94
C ASP B 47 -16.40 20.52 33.10
N GLU B 48 -15.17 20.83 33.48
CA GLU B 48 -14.17 19.79 33.67
C GLU B 48 -14.66 18.74 34.67
N THR B 49 -14.42 17.46 34.37
CA THR B 49 -14.81 16.38 35.26
C THR B 49 -13.64 15.59 35.83
N ASN B 50 -12.42 15.92 35.46
CA ASN B 50 -11.24 15.29 36.06
C ASN B 50 -10.81 16.15 37.25
N ALA B 51 -11.17 15.72 38.46
CA ALA B 51 -10.98 16.56 39.63
C ALA B 51 -9.51 16.90 39.85
N ALA B 52 -8.61 15.95 39.57
CA ALA B 52 -7.19 16.18 39.72
C ALA B 52 -6.71 17.42 38.95
N LEU B 53 -7.39 17.74 37.86
CA LEU B 53 -7.02 18.93 37.08
C LEU B 53 -7.46 20.23 37.76
N LYS B 54 -8.28 20.13 38.80
CA LYS B 54 -8.91 21.29 39.40
C LYS B 54 -8.09 21.89 40.52
N ASP B 55 -6.93 21.32 40.79
CA ASP B 55 -5.99 21.85 41.77
C ASP B 55 -5.75 23.32 41.46
N PRO B 56 -6.30 24.24 42.24
CA PRO B 56 -6.12 25.67 41.94
C PRO B 56 -4.68 26.12 42.01
N SER B 57 -3.82 25.40 42.73
CA SER B 57 -2.42 25.78 42.87
C SER B 57 -1.56 25.34 41.69
N LYS B 58 -2.12 24.59 40.73
CA LYS B 58 -1.37 24.16 39.57
C LYS B 58 -1.97 24.65 38.26
N LEU B 59 -2.93 25.59 38.34
CA LEU B 59 -3.65 26.07 37.17
C LEU B 59 -2.69 26.42 36.04
N HIS B 60 -3.02 25.94 34.83
CA HIS B 60 -2.27 26.15 33.58
C HIS B 60 -1.03 25.26 33.43
N GLN B 61 -0.74 24.37 34.37
CA GLN B 61 0.39 23.46 34.18
C GLN B 61 -0.08 22.18 33.49
N ILE B 62 0.85 21.28 33.24
CA ILE B 62 0.55 20.00 32.62
C ILE B 62 0.45 18.95 33.71
N TRP B 63 -0.59 18.12 33.63
CA TRP B 63 -0.84 17.05 34.56
C TRP B 63 -0.54 15.73 33.90
N LEU B 64 0.29 14.93 34.56
CA LEU B 64 0.62 13.58 34.14
C LEU B 64 0.02 12.65 35.17
N SER B 65 -0.88 11.77 34.73
CA SER B 65 -1.38 10.71 35.56
C SER B 65 -0.21 9.86 36.06
N PRO B 66 -0.41 9.12 37.15
CA PRO B 66 0.67 8.23 37.59
C PRO B 66 1.05 7.20 36.54
N LYS B 67 0.07 6.73 35.77
CA LYS B 67 0.37 5.76 34.72
C LYS B 67 1.31 6.34 33.70
N VAL B 68 1.07 7.58 33.28
CA VAL B 68 1.89 8.24 32.28
C VAL B 68 3.30 8.47 32.82
N GLN B 69 3.41 8.85 34.10
CA GLN B 69 4.70 9.04 34.73
C GLN B 69 5.51 7.75 34.71
N ALA B 70 4.87 6.61 35.05
CA ALA B 70 5.59 5.34 35.01
C ALA B 70 6.03 4.98 33.60
N ASP B 71 5.24 5.35 32.60
CA ASP B 71 5.66 5.10 31.21
C ASP B 71 6.81 6.02 30.82
N LEU B 72 6.67 7.31 31.10
CA LEU B 72 7.74 8.23 30.74
C LEU B 72 9.07 7.80 31.36
N GLN B 73 9.04 7.18 32.53
CA GLN B 73 10.29 6.78 33.15
C GLN B 73 10.99 5.66 32.40
N LYS B 74 10.30 4.98 31.49
CA LYS B 74 10.88 3.85 30.76
C LYS B 74 11.40 4.24 29.37
N ILE B 75 11.43 5.53 29.06
CA ILE B 75 11.99 5.96 27.78
C ILE B 75 13.38 5.39 27.50
N PRO B 76 14.32 5.33 28.47
CA PRO B 76 15.62 4.72 28.18
C PRO B 76 15.52 3.34 27.54
N SER B 77 14.60 2.51 28.04
CA SER B 77 14.37 1.21 27.42
C SER B 77 14.05 1.38 25.93
N LEU B 78 13.26 2.41 25.57
CA LEU B 78 12.90 2.59 24.17
C LEU B 78 14.08 3.08 23.35
N ARG B 79 14.93 3.94 23.93
CA ARG B 79 16.11 4.40 23.22
C ARG B 79 17.08 3.25 22.93
N GLN B 80 17.08 2.23 23.78
CA GLN B 80 17.88 1.04 23.51
C GLN B 80 17.35 0.28 22.31
N GLN B 81 16.02 0.22 22.18
CA GLN B 81 15.42 -0.50 21.08
C GLN B 81 15.69 0.22 19.76
N ASN B 82 15.86 1.54 19.80
CA ASN B 82 16.01 2.35 18.60
C ASN B 82 16.81 3.58 18.95
N PRO B 83 18.14 3.52 18.86
CA PRO B 83 18.98 4.64 19.30
C PRO B 83 18.68 5.94 18.57
N ASN B 84 18.02 5.90 17.43
CA ASN B 84 17.74 7.12 16.69
C ASN B 84 16.41 7.75 17.07
N LEU B 85 15.57 7.06 17.85
CA LEU B 85 14.19 7.48 18.08
C LEU B 85 14.12 8.84 18.77
N LYS B 86 13.12 9.64 18.39
CA LYS B 86 12.78 10.87 19.09
C LYS B 86 11.48 10.65 19.86
N VAL B 87 11.51 10.90 21.18
CA VAL B 87 10.36 10.70 22.04
C VAL B 87 9.80 12.05 22.48
N LEU B 88 8.51 12.26 22.22
CA LEU B 88 7.81 13.48 22.59
C LEU B 88 6.61 13.16 23.48
N LEU B 89 6.30 14.09 24.37
CA LEU B 89 5.05 14.06 25.09
C LEU B 89 4.02 14.83 24.29
N SER B 90 2.89 14.19 23.97
CA SER B 90 1.75 14.91 23.43
C SER B 90 0.91 15.45 24.57
N VAL B 91 0.49 16.71 24.46
CA VAL B 91 -0.36 17.33 25.48
C VAL B 91 -1.66 17.77 24.83
N GLY B 92 -2.79 17.43 25.46
CA GLY B 92 -4.09 17.80 24.95
C GLY B 92 -4.92 16.61 24.51
N GLY B 93 -5.44 16.66 23.27
CA GLY B 93 -6.27 15.59 22.73
C GLY B 93 -7.74 15.96 22.66
N TRP B 94 -8.55 14.95 22.37
CA TRP B 94 -9.98 15.17 22.18
C TRP B 94 -10.65 15.42 23.54
N GLY B 95 -11.29 16.57 23.69
CA GLY B 95 -11.92 16.93 24.94
C GLY B 95 -11.00 17.54 25.99
N ALA B 96 -9.70 17.57 25.79
CA ALA B 96 -8.80 18.12 26.80
C ALA B 96 -9.00 19.62 26.90
N ARG B 97 -9.25 20.08 28.11
CA ARG B 97 -9.54 21.49 28.39
C ARG B 97 -8.27 22.16 28.85
N GLY B 98 -8.30 23.50 28.89
CA GLY B 98 -7.28 24.26 29.58
C GLY B 98 -6.35 25.05 28.69
N PHE B 99 -6.37 24.80 27.38
CA PHE B 99 -5.48 25.54 26.50
C PHE B 99 -5.91 26.99 26.37
N SER B 100 -7.21 27.26 26.29
CA SER B 100 -7.64 28.63 26.09
C SER B 100 -7.20 29.51 27.25
N GLY B 101 -7.35 29.01 28.48
CA GLY B 101 -6.90 29.78 29.63
C GLY B 101 -5.38 29.84 29.74
N ALA B 102 -4.70 28.73 29.43
CA ALA B 102 -3.24 28.69 29.52
C ALA B 102 -2.59 29.62 28.50
N ALA B 103 -3.21 29.82 27.34
CA ALA B 103 -2.61 30.65 26.30
C ALA B 103 -2.97 32.13 26.41
N ALA B 104 -3.81 32.51 27.38
CA ALA B 104 -4.44 33.83 27.34
C ALA B 104 -3.41 34.97 27.31
N THR B 105 -2.36 34.87 28.13
CA THR B 105 -1.39 35.94 28.25
C THR B 105 0.02 35.34 28.30
N LYS B 106 1.03 36.21 28.19
CA LYS B 106 2.39 35.70 28.31
C LYS B 106 2.64 35.15 29.70
N GLU B 107 1.88 35.60 30.70
CA GLU B 107 2.05 35.14 32.07
C GLU B 107 1.49 33.73 32.28
N THR B 108 0.22 33.49 31.92
CA THR B 108 -0.31 32.13 31.96
C THR B 108 0.51 31.21 31.07
N ARG B 109 0.97 31.70 29.92
CA ARG B 109 1.80 30.88 29.05
C ARG B 109 3.14 30.52 29.71
N ALA B 110 3.69 31.43 30.51
CA ALA B 110 4.94 31.12 31.21
C ALA B 110 4.75 29.97 32.21
N VAL B 111 3.59 29.92 32.88
CA VAL B 111 3.31 28.80 33.77
C VAL B 111 3.29 27.49 32.99
N PHE B 112 2.55 27.47 31.87
CA PHE B 112 2.48 26.28 31.03
C PHE B 112 3.86 25.86 30.56
N ILE B 113 4.63 26.83 30.03
CA ILE B 113 5.90 26.52 29.38
C ILE B 113 6.91 26.02 30.40
N GLN B 114 6.89 26.61 31.59
CA GLN B 114 7.73 26.13 32.69
C GLN B 114 7.38 24.69 33.06
N SER B 115 6.08 24.37 33.06
CA SER B 115 5.67 22.99 33.28
C SER B 115 6.23 22.06 32.21
N ALA B 116 6.05 22.45 30.94
CA ALA B 116 6.55 21.68 29.81
C ALA B 116 8.06 21.51 29.88
N GLN B 117 8.78 22.61 30.15
CA GLN B 117 10.23 22.54 30.23
C GLN B 117 10.68 21.57 31.31
N ALA B 118 10.04 21.65 32.50
CA ALA B 118 10.45 20.80 33.62
C ALA B 118 10.22 19.32 33.29
N ILE B 119 9.02 18.99 32.80
CA ILE B 119 8.69 17.61 32.41
C ILE B 119 9.68 17.10 31.38
N ILE B 120 10.01 17.92 30.37
CA ILE B 120 10.99 17.52 29.38
C ILE B 120 12.31 17.17 30.05
N GLU B 121 12.82 18.07 30.90
CA GLU B 121 14.09 17.80 31.55
C GLU B 121 14.00 16.58 32.45
N LYS B 122 12.89 16.45 33.19
CA LYS B 122 12.79 15.38 34.18
C LYS B 122 12.91 14.01 33.53
N TYR B 123 12.23 13.80 32.42
CA TYR B 123 12.17 12.49 31.78
C TYR B 123 13.13 12.36 30.61
N GLY B 124 13.89 13.41 30.31
CA GLY B 124 14.75 13.40 29.14
C GLY B 124 13.95 13.25 27.85
N LEU B 125 12.88 14.02 27.69
CA LEU B 125 12.11 13.99 26.45
C LEU B 125 12.91 14.65 25.34
N ASP B 126 12.65 14.23 24.09
CA ASP B 126 13.23 14.96 22.97
C ASP B 126 12.39 16.16 22.58
N GLY B 127 11.14 16.23 23.01
CA GLY B 127 10.32 17.38 22.69
C GLY B 127 8.92 17.27 23.22
N ILE B 128 8.08 18.15 22.71
CA ILE B 128 6.71 18.25 23.17
C ILE B 128 5.83 18.46 21.96
N ASP B 129 4.64 17.89 22.02
CA ASP B 129 3.66 17.97 20.95
C ASP B 129 2.37 18.49 21.56
N LEU B 130 1.80 19.53 20.96
CA LEU B 130 0.58 20.15 21.47
C LEU B 130 -0.57 19.84 20.55
N ASP B 131 -1.66 19.33 21.12
CA ASP B 131 -2.80 18.83 20.36
C ASP B 131 -4.03 19.54 20.93
N TRP B 132 -4.23 20.78 20.48
CA TRP B 132 -5.28 21.68 20.99
C TRP B 132 -6.47 21.55 20.05
N GLU B 133 -7.58 20.98 20.56
CA GLU B 133 -8.71 20.58 19.71
C GLU B 133 -9.97 21.27 20.22
N TYR B 134 -10.15 22.53 19.84
CA TYR B 134 -9.36 23.31 18.93
C TYR B 134 -9.38 24.76 19.37
N PRO B 135 -8.34 25.52 19.01
CA PRO B 135 -8.39 26.96 19.23
C PRO B 135 -9.53 27.60 18.45
N VAL B 136 -10.13 28.63 19.05
CA VAL B 136 -11.16 29.48 18.46
C VAL B 136 -12.49 28.74 18.44
N ASN B 137 -12.50 27.55 17.86
CA ASN B 137 -13.74 26.81 17.67
C ASN B 137 -14.11 26.00 18.91
N GLY B 138 -13.11 25.64 19.71
CA GLY B 138 -13.36 24.86 20.91
C GLY B 138 -14.06 23.55 20.67
N ALA B 139 -13.89 22.97 19.49
CA ALA B 139 -14.59 21.74 19.12
C ALA B 139 -16.09 21.88 19.35
N TRP B 140 -16.66 22.93 18.75
CA TRP B 140 -18.09 23.24 18.84
C TRP B 140 -18.56 23.35 20.29
N GLY B 141 -17.72 23.99 21.13
CA GLY B 141 -18.05 24.29 22.51
C GLY B 141 -17.68 23.22 23.51
N LEU B 142 -17.09 22.10 23.08
CA LEU B 142 -16.76 21.03 24.01
C LEU B 142 -15.66 21.47 24.98
N VAL B 143 -14.82 22.41 24.58
CA VAL B 143 -13.80 23.00 25.44
C VAL B 143 -13.88 24.49 25.26
N ALA B 144 -13.46 25.22 26.30
CA ALA B 144 -13.46 26.68 26.24
C ALA B 144 -12.63 27.16 25.06
N SER B 145 -13.12 28.23 24.42
CA SER B 145 -12.46 28.84 23.28
C SER B 145 -12.78 30.31 23.29
N GLN B 146 -12.02 31.08 22.53
CA GLN B 146 -12.31 32.49 22.33
C GLN B 146 -11.59 32.94 21.08
N PRO B 147 -12.02 34.06 20.47
CA PRO B 147 -11.35 34.52 19.24
C PRO B 147 -9.88 34.86 19.44
N ALA B 148 -9.44 35.16 20.67
CA ALA B 148 -8.02 35.41 20.88
C ALA B 148 -7.19 34.14 20.82
N ASP B 149 -7.82 32.96 20.79
CA ASP B 149 -7.08 31.69 20.80
C ASP B 149 -6.05 31.61 19.68
N ARG B 150 -6.38 32.16 18.52
CA ARG B 150 -5.52 32.01 17.34
C ARG B 150 -4.16 32.68 17.55
N ASP B 151 -4.14 33.97 17.84
CA ASP B 151 -2.85 34.64 17.98
C ASP B 151 -2.15 34.24 19.27
N ASN B 152 -2.93 33.91 20.31
CA ASN B 152 -2.39 33.38 21.56
C ASN B 152 -1.64 32.08 21.32
N PHE B 153 -2.19 31.20 20.48
CA PHE B 153 -1.53 29.94 20.17
C PHE B 153 -0.19 30.19 19.49
N THR B 154 -0.17 31.12 18.53
CA THR B 154 1.10 31.52 17.92
C THR B 154 2.09 31.98 18.98
N ALA B 155 1.66 32.89 19.86
CA ALA B 155 2.54 33.36 20.93
C ALA B 155 3.05 32.21 21.77
N LEU B 156 2.17 31.28 22.13
CA LEU B 156 2.55 30.16 22.98
C LEU B 156 3.63 29.32 22.31
N LEU B 157 3.47 29.05 21.00
CA LEU B 157 4.47 28.27 20.30
C LEU B 157 5.81 29.01 20.22
N LYS B 158 5.79 30.30 19.88
CA LYS B 158 7.02 31.09 19.85
C LYS B 158 7.71 31.07 21.21
N GLU B 159 6.95 31.32 22.27
CA GLU B 159 7.56 31.39 23.59
C GLU B 159 7.97 30.01 24.08
N LEU B 160 7.29 28.96 23.62
CA LEU B 160 7.72 27.61 23.97
C LEU B 160 9.04 27.28 23.32
N ARG B 161 9.17 27.58 22.03
CA ARG B 161 10.44 27.32 21.34
C ARG B 161 11.59 28.06 22.03
N ALA B 162 11.36 29.33 22.38
CA ALA B 162 12.41 30.11 23.03
C ALA B 162 12.87 29.45 24.34
N ALA B 163 11.96 28.80 25.05
CA ALA B 163 12.37 28.18 26.31
C ALA B 163 13.09 26.86 26.08
N VAL B 164 12.61 26.04 25.15
CA VAL B 164 13.15 24.68 25.08
C VAL B 164 14.44 24.65 24.30
N GLY B 165 14.69 25.65 23.46
CA GLY B 165 15.90 25.67 22.67
C GLY B 165 15.66 25.19 21.26
N ASN B 166 16.74 25.22 20.49
CA ASN B 166 16.71 24.89 19.07
C ASN B 166 17.02 23.44 18.79
N LYS B 167 17.27 22.63 19.81
CA LYS B 167 17.52 21.21 19.58
C LYS B 167 16.32 20.34 19.95
N LYS B 168 15.60 20.67 21.01
CA LYS B 168 14.35 20.00 21.31
C LYS B 168 13.33 20.21 20.18
N LEU B 169 12.35 19.30 20.10
CA LEU B 169 11.29 19.39 19.08
C LEU B 169 10.04 20.06 19.66
N VAL B 170 9.38 20.89 18.84
CA VAL B 170 8.05 21.40 19.17
C VAL B 170 7.15 21.14 17.97
N THR B 171 6.09 20.35 18.19
CA THR B 171 5.19 19.98 17.11
C THR B 171 3.76 20.21 17.58
N ILE B 172 2.83 20.20 16.63
CA ILE B 172 1.41 20.31 16.93
C ILE B 172 0.65 19.42 15.98
N ALA B 173 -0.56 19.05 16.38
CA ALA B 173 -1.55 18.45 15.50
C ALA B 173 -2.56 19.52 15.10
N VAL B 174 -3.16 19.34 13.92
CA VAL B 174 -4.12 20.32 13.44
C VAL B 174 -5.34 19.57 12.92
N GLY B 175 -6.43 20.31 12.81
CA GLY B 175 -7.70 19.69 12.52
C GLY B 175 -7.97 19.51 11.03
N ALA B 176 -8.84 18.54 10.77
CA ALA B 176 -9.31 18.27 9.42
C ALA B 176 -10.09 19.45 8.84
N ASN B 177 -10.92 20.09 9.68
CA ASN B 177 -11.84 21.13 9.23
C ASN B 177 -11.18 22.17 8.33
N ALA B 178 -11.87 22.52 7.24
CA ALA B 178 -11.37 23.54 6.34
C ALA B 178 -11.21 24.88 7.04
N GLU B 179 -12.05 25.17 8.05
CA GLU B 179 -11.96 26.46 8.72
C GLU B 179 -10.65 26.62 9.52
N SER B 180 -10.02 25.51 9.91
CA SER B 180 -8.86 25.51 10.81
C SER B 180 -7.70 26.38 10.32
N PRO B 181 -7.17 26.20 9.11
CA PRO B 181 -6.07 27.08 8.69
C PRO B 181 -6.54 28.46 8.31
N LYS B 182 -7.86 28.67 8.14
CA LYS B 182 -8.35 29.99 7.78
C LYS B 182 -8.45 30.89 9.01
N SER B 183 -8.93 30.38 10.14
CA SER B 183 -9.11 31.24 11.31
C SER B 183 -8.88 30.57 12.66
N TRP B 184 -8.53 29.28 12.73
CA TRP B 184 -8.21 28.75 14.05
C TRP B 184 -6.73 28.82 14.36
N VAL B 185 -5.88 28.66 13.32
CA VAL B 185 -4.44 28.45 13.51
C VAL B 185 -3.68 29.27 12.47
N ASP B 186 -2.79 30.15 12.92
CA ASP B 186 -2.03 30.98 11.99
C ASP B 186 -0.87 30.15 11.49
N VAL B 187 -1.17 29.49 10.38
CA VAL B 187 -0.28 28.51 9.79
C VAL B 187 1.06 29.15 9.47
N LYS B 188 1.07 30.28 8.74
CA LYS B 188 2.35 30.88 8.33
C LYS B 188 3.17 31.35 9.52
N ALA B 189 2.51 31.93 10.52
CA ALA B 189 3.21 32.53 11.65
C ALA B 189 3.77 31.49 12.60
N ILE B 190 3.15 30.32 12.69
CA ILE B 190 3.65 29.31 13.62
C ILE B 190 4.69 28.38 13.00
N ALA B 191 4.72 28.25 11.68
CA ALA B 191 5.63 27.31 11.02
C ALA B 191 7.09 27.45 11.42
N PRO B 192 7.70 28.64 11.51
CA PRO B 192 9.14 28.70 11.84
C PRO B 192 9.49 28.17 13.22
N SER B 193 8.54 28.16 14.16
CA SER B 193 8.79 27.62 15.49
C SER B 193 8.69 26.11 15.55
N LEU B 194 8.25 25.43 14.48
CA LEU B 194 7.82 24.04 14.57
C LEU B 194 8.68 23.15 13.70
N ASP B 195 9.08 21.99 14.25
CA ASP B 195 9.77 21.01 13.41
C ASP B 195 8.85 20.49 12.31
N TYR B 196 7.59 20.22 12.63
CA TYR B 196 6.63 19.70 11.67
C TYR B 196 5.24 19.75 12.28
N ILE B 197 4.24 19.54 11.43
CA ILE B 197 2.85 19.63 11.84
C ILE B 197 2.15 18.37 11.38
N ASN B 198 1.43 17.74 12.30
CA ASN B 198 0.77 16.47 12.03
C ASN B 198 -0.70 16.77 11.72
N LEU B 199 -1.15 16.33 10.55
CA LEU B 199 -2.51 16.57 10.10
C LEU B 199 -3.42 15.46 10.59
N MET B 200 -4.57 15.83 11.15
CA MET B 200 -5.53 14.83 11.60
C MET B 200 -6.46 14.52 10.43
N THR B 201 -5.86 13.87 9.43
CA THR B 201 -6.54 13.52 8.20
C THR B 201 -7.35 12.23 8.37
N TYR B 202 -8.22 12.23 9.37
CA TYR B 202 -9.11 11.10 9.64
C TYR B 202 -10.27 11.63 10.49
N ASP B 203 -11.08 10.70 11.02
CA ASP B 203 -12.27 11.02 11.82
C ASP B 203 -13.27 11.82 10.98
N LEU B 204 -13.40 11.42 9.73
CA LEU B 204 -14.26 12.04 8.74
C LEU B 204 -15.65 11.42 8.68
N ALA B 205 -15.92 10.36 9.46
CA ALA B 205 -17.16 9.59 9.37
C ALA B 205 -18.25 10.18 10.26
N TYR B 206 -18.53 11.45 10.03
CA TYR B 206 -19.51 12.16 10.83
C TYR B 206 -20.50 12.83 9.90
N GLY B 207 -21.58 13.34 10.48
CA GLY B 207 -22.59 14.04 9.72
C GLY B 207 -23.19 13.12 8.69
N THR B 208 -23.03 13.48 7.42
CA THR B 208 -23.60 12.74 6.30
C THR B 208 -22.56 11.95 5.50
N GLN B 209 -21.30 11.92 5.93
CA GLN B 209 -20.25 11.20 5.22
C GLN B 209 -20.06 9.79 5.78
N TYR B 210 -19.82 8.83 4.89
CA TYR B 210 -19.69 7.44 5.29
C TYR B 210 -18.27 7.13 5.78
N PHE B 211 -17.28 7.62 5.05
CA PHE B 211 -15.91 7.16 5.16
C PHE B 211 -15.13 7.94 6.21
N ASN B 212 -14.35 7.22 7.00
CA ASN B 212 -13.60 7.84 8.09
C ASN B 212 -12.29 8.46 7.66
N SER B 213 -11.60 7.87 6.66
CA SER B 213 -10.27 8.34 6.32
C SER B 213 -9.98 8.11 4.85
N ASN B 214 -10.99 8.25 4.01
CA ASN B 214 -10.80 8.13 2.58
C ASN B 214 -9.74 9.11 2.08
N LEU B 215 -8.90 8.64 1.16
CA LEU B 215 -7.90 9.51 0.57
C LEU B 215 -8.54 10.53 -0.38
N TYR B 216 -9.46 10.09 -1.23
CA TYR B 216 -10.26 10.96 -2.09
C TYR B 216 -11.74 10.66 -1.82
N ASP B 217 -12.61 11.43 -2.48
CA ASP B 217 -14.05 11.19 -2.38
C ASP B 217 -14.45 9.92 -3.11
N SER B 218 -15.38 9.18 -2.54
CA SER B 218 -16.03 8.06 -3.20
C SER B 218 -17.36 8.51 -3.82
N THR B 219 -17.59 8.11 -5.07
CA THR B 219 -18.87 8.35 -5.75
C THR B 219 -19.92 7.28 -5.48
N ARG B 220 -19.50 6.06 -5.10
CA ARG B 220 -20.47 5.04 -4.71
C ARG B 220 -21.12 5.36 -3.37
N TRP B 221 -20.38 6.00 -2.45
CA TRP B 221 -20.86 6.32 -1.10
C TRP B 221 -20.67 7.81 -0.87
N PRO B 222 -21.39 8.65 -1.61
CA PRO B 222 -21.12 10.09 -1.58
C PRO B 222 -21.63 10.73 -0.30
N THR B 223 -21.01 11.84 0.06
CA THR B 223 -21.45 12.62 1.20
C THR B 223 -22.53 13.60 0.78
N VAL B 224 -23.57 13.72 1.59
CA VAL B 224 -24.77 14.45 1.17
C VAL B 224 -24.60 15.96 1.36
N ALA B 225 -24.31 16.40 2.60
CA ALA B 225 -24.19 17.82 2.89
C ALA B 225 -22.80 18.33 2.54
N GLU B 226 -22.76 19.54 1.97
CA GLU B 226 -21.50 20.11 1.47
C GLU B 226 -20.49 20.30 2.60
N ALA B 227 -20.94 20.76 3.76
CA ALA B 227 -20.01 21.03 4.85
C ALA B 227 -19.43 19.76 5.46
N ASP B 228 -19.98 18.59 5.12
CA ASP B 228 -19.45 17.31 5.58
C ASP B 228 -18.42 16.69 4.63
N LYS B 229 -18.32 17.18 3.40
CA LYS B 229 -17.57 16.47 2.37
C LYS B 229 -16.08 16.61 2.62
N TYR B 230 -15.41 15.51 2.92
CA TYR B 230 -14.01 15.60 3.31
C TYR B 230 -13.24 14.40 2.78
N SER B 231 -11.95 14.63 2.58
CA SER B 231 -11.02 13.56 2.22
C SER B 231 -9.63 14.01 2.67
N ALA B 232 -8.75 13.03 2.82
CA ALA B 232 -7.38 13.34 3.24
C ALA B 232 -6.70 14.27 2.25
N ASP B 233 -6.89 14.01 0.95
CA ASP B 233 -6.30 14.84 -0.09
C ASP B 233 -6.83 16.27 -0.03
N PHE B 234 -8.14 16.43 0.16
CA PHE B 234 -8.70 17.75 0.33
C PHE B 234 -8.05 18.49 1.52
N ILE B 235 -7.86 17.79 2.64
CA ILE B 235 -7.27 18.43 3.81
C ILE B 235 -5.80 18.81 3.56
N VAL B 236 -5.03 17.96 2.87
CA VAL B 236 -3.63 18.28 2.63
C VAL B 236 -3.52 19.52 1.74
N ASN B 237 -4.40 19.64 0.75
CA ASN B 237 -4.36 20.81 -0.12
C ASN B 237 -4.77 22.07 0.63
N ASN B 238 -5.78 21.97 1.50
CA ASN B 238 -6.18 23.10 2.33
C ASN B 238 -5.00 23.73 3.07
N TYR B 239 -4.16 22.90 3.68
CA TYR B 239 -3.05 23.44 4.46
C TYR B 239 -1.93 23.94 3.57
N LEU B 240 -1.73 23.34 2.39
CA LEU B 240 -0.78 23.86 1.41
C LEU B 240 -1.20 25.23 0.91
N ALA B 241 -2.46 25.36 0.50
CA ALA B 241 -2.95 26.65 0.07
C ALA B 241 -2.69 27.70 1.13
N ALA B 242 -2.88 27.33 2.40
CA ALA B 242 -2.69 28.23 3.53
C ALA B 242 -1.21 28.57 3.77
N GLY B 243 -0.29 27.84 3.15
CA GLY B 243 1.10 28.25 3.18
C GLY B 243 2.08 27.28 3.83
N LEU B 244 1.69 26.09 4.26
CA LEU B 244 2.65 25.12 4.82
C LEU B 244 3.46 24.43 3.72
N LYS B 245 4.79 24.51 3.84
CA LYS B 245 5.66 23.69 3.02
C LYS B 245 5.27 22.22 3.17
N PRO B 246 5.14 21.47 2.06
CA PRO B 246 4.87 20.03 2.16
C PRO B 246 5.79 19.27 3.11
N SER B 247 7.09 19.42 2.93
CA SER B 247 8.06 18.67 3.72
C SER B 247 7.92 18.92 5.21
N GLN B 248 7.14 19.93 5.62
CA GLN B 248 6.85 20.23 7.01
C GLN B 248 5.59 19.53 7.51
N MET B 249 4.90 18.79 6.66
CA MET B 249 3.62 18.22 7.01
C MET B 249 3.72 16.70 7.05
N ASN B 250 3.15 16.10 8.10
CA ASN B 250 2.93 14.66 8.13
C ASN B 250 1.45 14.39 7.95
N LEU B 251 1.14 13.47 7.03
CA LEU B 251 -0.20 12.95 6.84
C LEU B 251 -0.56 12.02 7.99
N GLY B 252 -1.61 12.35 8.74
CA GLY B 252 -2.10 11.44 9.76
C GLY B 252 -2.74 10.22 9.11
N ILE B 253 -2.43 9.04 9.64
CA ILE B 253 -3.07 7.80 9.23
C ILE B 253 -3.66 7.11 10.45
N GLY B 254 -4.94 6.78 10.36
CA GLY B 254 -5.59 6.14 11.49
C GLY B 254 -5.56 4.63 11.45
N PHE B 255 -4.96 4.00 12.45
CA PHE B 255 -4.97 2.54 12.57
C PHE B 255 -6.26 2.04 13.24
N TYR B 256 -7.41 2.53 12.77
CA TYR B 256 -8.70 2.16 13.35
C TYR B 256 -9.79 2.48 12.34
N GLY B 257 -11.03 2.21 12.71
CA GLY B 257 -12.16 2.57 11.88
C GLY B 257 -13.28 3.12 12.74
N ARG B 258 -14.30 3.68 12.08
CA ARG B 258 -15.47 4.20 12.77
C ARG B 258 -16.76 3.75 12.06
N ILE B 259 -17.72 3.26 12.85
CA ILE B 259 -19.10 3.20 12.39
C ILE B 259 -19.51 4.65 12.11
N PRO B 260 -19.97 4.98 10.91
CA PRO B 260 -20.29 6.37 10.62
C PRO B 260 -21.50 6.82 11.43
N LYS B 261 -21.52 8.11 11.77
CA LYS B 261 -22.68 8.65 12.48
C LYS B 261 -23.94 8.47 11.67
N ARG B 262 -23.82 8.56 10.35
CA ARG B 262 -24.94 8.39 9.43
C ARG B 262 -25.75 7.13 9.71
N ALA B 263 -25.14 6.12 10.33
CA ALA B 263 -25.81 4.84 10.56
C ALA B 263 -26.65 4.82 11.83
N VAL B 264 -26.41 5.73 12.78
CA VAL B 264 -27.12 5.66 14.06
C VAL B 264 -27.80 6.96 14.44
N GLU B 265 -27.40 8.11 13.90
CA GLU B 265 -28.04 9.40 14.10
C GLU B 265 -28.42 10.01 12.77
N PRO B 266 -29.55 10.71 12.69
CA PRO B 266 -29.87 11.43 11.46
C PRO B 266 -28.79 12.44 11.14
N GLY B 267 -28.50 12.62 9.85
CA GLY B 267 -27.51 13.56 9.40
C GLY B 267 -28.18 14.86 8.96
N ILE B 268 -27.71 15.97 9.56
CA ILE B 268 -28.32 17.28 9.37
C ILE B 268 -27.49 18.11 8.38
N ASP B 269 -28.18 18.87 7.53
CA ASP B 269 -27.55 19.80 6.60
C ASP B 269 -28.01 21.22 6.94
N TRP B 270 -27.18 21.93 7.72
CA TRP B 270 -27.38 23.35 8.01
C TRP B 270 -27.19 24.22 6.77
N PRO B 279 -33.95 16.80 7.83
CA PRO B 279 -32.75 15.97 8.00
C PRO B 279 -32.32 15.42 6.64
N ALA B 280 -31.01 15.40 6.39
CA ALA B 280 -30.48 15.04 5.08
C ALA B 280 -30.22 13.54 4.95
N THR B 281 -29.86 12.86 6.03
CA THR B 281 -29.71 11.40 6.04
C THR B 281 -30.39 10.83 7.28
N ARG B 282 -30.80 9.56 7.19
CA ARG B 282 -31.45 8.94 8.32
C ARG B 282 -30.75 7.65 8.70
N PRO B 283 -30.76 7.27 9.97
CA PRO B 283 -30.01 6.08 10.41
C PRO B 283 -30.58 4.81 9.80
N TYR B 284 -29.69 3.88 9.44
CA TYR B 284 -30.10 2.61 8.86
C TYR B 284 -29.72 1.42 9.72
N PHE B 285 -29.01 1.62 10.83
CA PHE B 285 -28.84 0.57 11.81
C PHE B 285 -30.14 0.38 12.58
N ALA B 286 -30.64 -0.85 12.62
CA ALA B 286 -31.75 -1.19 13.50
C ALA B 286 -31.17 -1.63 14.84
N ALA B 287 -32.05 -1.93 15.79
CA ALA B 287 -31.57 -2.43 17.08
C ALA B 287 -30.61 -3.60 16.91
N GLN B 288 -30.91 -4.51 15.98
CA GLN B 288 -30.09 -5.69 15.75
C GLN B 288 -28.62 -5.31 15.50
N GLN B 289 -28.38 -4.27 14.70
CA GLN B 289 -27.00 -3.88 14.44
C GLN B 289 -26.39 -3.23 15.68
N ILE B 290 -27.20 -2.53 16.47
CA ILE B 290 -26.68 -1.89 17.67
C ILE B 290 -26.31 -2.94 18.72
N GLU B 291 -27.17 -3.92 18.95
CA GLU B 291 -26.81 -4.99 19.88
C GLU B 291 -25.59 -5.77 19.40
N LEU B 292 -25.52 -6.03 18.08
CA LEU B 292 -24.38 -6.76 17.53
C LEU B 292 -23.06 -6.06 17.90
N PHE B 293 -22.95 -4.78 17.61
CA PHE B 293 -21.74 -4.08 17.98
C PHE B 293 -21.55 -4.02 19.50
N GLU B 294 -22.65 -3.93 20.27
CA GLU B 294 -22.52 -3.90 21.73
C GLU B 294 -22.01 -5.23 22.27
N SER B 295 -22.50 -6.34 21.70
CA SER B 295 -22.01 -7.67 22.08
C SER B 295 -20.53 -7.85 21.77
N LEU B 296 -19.92 -6.94 21.03
CA LEU B 296 -18.54 -7.05 20.58
C LEU B 296 -17.62 -5.99 21.20
N GLY B 297 -18.13 -5.20 22.13
CA GLY B 297 -17.31 -4.22 22.81
C GLY B 297 -17.43 -2.80 22.30
N VAL B 298 -18.33 -2.54 21.36
CA VAL B 298 -18.44 -1.20 20.79
C VAL B 298 -19.81 -0.66 21.19
N ASP B 299 -19.82 0.20 22.20
CA ASP B 299 -21.06 0.84 22.64
C ASP B 299 -21.25 2.07 21.76
N LEU B 300 -22.22 1.98 20.84
CA LEU B 300 -22.43 3.04 19.86
C LEU B 300 -23.12 4.25 20.46
N THR B 301 -23.69 4.15 21.67
CA THR B 301 -24.20 5.34 22.32
C THR B 301 -23.09 6.20 22.90
N LYS B 302 -21.89 5.64 23.04
CA LYS B 302 -20.75 6.37 23.57
C LYS B 302 -19.75 6.76 22.51
N ASP B 303 -19.44 5.86 21.57
CA ASP B 303 -18.39 6.15 20.61
C ASP B 303 -18.48 5.18 19.43
N THR B 304 -17.93 5.62 18.30
CA THR B 304 -17.99 4.87 17.06
C THR B 304 -16.66 4.23 16.69
N TYR B 305 -15.67 4.34 17.59
CA TYR B 305 -14.26 3.99 17.34
C TYR B 305 -14.04 2.47 17.47
N VAL B 306 -13.37 1.87 16.50
CA VAL B 306 -12.99 0.46 16.58
C VAL B 306 -11.51 0.34 16.25
N LYS B 307 -10.71 -0.09 17.24
CA LYS B 307 -9.29 -0.29 16.98
C LYS B 307 -9.09 -1.34 15.90
N TYR B 308 -8.04 -1.16 15.10
CA TYR B 308 -7.79 -2.11 14.03
C TYR B 308 -7.63 -3.52 14.57
N ASN B 309 -6.98 -3.69 15.74
CA ASN B 309 -6.80 -5.07 16.21
C ASN B 309 -8.13 -5.69 16.60
N ASP B 310 -9.08 -4.90 17.11
CA ASP B 310 -10.43 -5.41 17.31
C ASP B 310 -11.12 -5.71 15.99
N ILE B 311 -10.88 -4.87 14.96
CA ILE B 311 -11.46 -5.10 13.64
C ILE B 311 -11.04 -6.46 13.10
N VAL B 312 -9.74 -6.73 13.11
CA VAL B 312 -9.24 -8.03 12.67
C VAL B 312 -9.78 -9.14 13.57
N ALA B 313 -9.53 -9.04 14.87
CA ALA B 313 -9.82 -10.16 15.76
C ALA B 313 -11.32 -10.43 15.86
N LYS B 314 -12.13 -9.38 15.99
CA LYS B 314 -13.53 -9.62 16.34
C LYS B 314 -14.50 -9.47 15.18
N LEU B 315 -14.15 -8.72 14.14
CA LEU B 315 -15.07 -8.52 13.03
C LEU B 315 -14.69 -9.33 11.79
N ILE B 316 -13.50 -9.08 11.26
CA ILE B 316 -13.04 -9.86 10.11
C ILE B 316 -13.00 -11.35 10.48
N ASN B 317 -12.40 -11.68 11.63
CA ASN B 317 -12.25 -13.04 12.11
C ASN B 317 -13.37 -13.44 13.08
N ASP B 318 -14.55 -12.86 12.93
CA ASP B 318 -15.67 -13.17 13.79
C ASP B 318 -16.02 -14.65 13.69
N PRO B 319 -15.91 -15.43 14.77
CA PRO B 319 -16.29 -16.87 14.71
C PRO B 319 -17.67 -17.07 14.12
N GLN B 320 -18.53 -16.07 14.23
CA GLN B 320 -19.87 -16.10 13.68
C GLN B 320 -19.93 -15.61 12.24
N LYS B 321 -18.82 -15.05 11.72
CA LYS B 321 -18.70 -14.74 10.30
C LYS B 321 -19.75 -13.74 9.83
N ARG B 322 -20.09 -12.77 10.68
CA ARG B 322 -21.17 -11.85 10.36
C ARG B 322 -20.74 -10.65 9.51
N PHE B 323 -19.44 -10.48 9.27
CA PHE B 323 -18.92 -9.28 8.64
C PHE B 323 -18.30 -9.60 7.28
N THR B 324 -18.51 -8.70 6.33
CA THR B 324 -18.02 -8.88 4.97
C THR B 324 -17.13 -7.71 4.59
N GLN B 325 -15.94 -8.02 4.07
CA GLN B 325 -14.97 -7.02 3.66
C GLN B 325 -15.32 -6.45 2.28
N HIS B 326 -15.05 -5.17 2.11
CA HIS B 326 -15.24 -4.48 0.85
C HIS B 326 -14.06 -3.54 0.65
N TRP B 327 -13.85 -3.14 -0.60
CA TRP B 327 -12.87 -2.13 -0.97
C TRP B 327 -13.52 -1.09 -1.86
N ASP B 328 -13.26 0.19 -1.58
CA ASP B 328 -13.68 1.31 -2.41
C ASP B 328 -12.45 1.87 -3.10
N ASP B 329 -12.37 1.75 -4.41
CA ASP B 329 -11.18 2.16 -5.12
C ASP B 329 -11.19 3.64 -5.52
N GLU B 330 -12.21 4.42 -5.12
CA GLU B 330 -12.05 5.87 -5.21
C GLU B 330 -11.60 6.46 -3.88
N GLY B 331 -12.22 6.04 -2.78
CA GLY B 331 -11.72 6.40 -1.46
C GLY B 331 -10.42 5.75 -1.10
N LYS B 332 -10.06 4.66 -1.78
CA LYS B 332 -8.82 3.92 -1.53
C LYS B 332 -8.79 3.35 -0.12
N VAL B 333 -9.94 2.94 0.43
CA VAL B 333 -9.99 2.37 1.77
C VAL B 333 -10.94 1.18 1.81
N PRO B 334 -10.74 0.29 2.78
CA PRO B 334 -11.71 -0.79 3.00
C PRO B 334 -12.86 -0.37 3.90
N TRP B 335 -13.95 -1.11 3.81
CA TRP B 335 -15.06 -0.95 4.73
C TRP B 335 -15.73 -2.30 4.89
N LEU B 336 -16.40 -2.47 6.03
CA LEU B 336 -17.09 -3.72 6.32
C LEU B 336 -18.58 -3.52 6.17
N SER B 337 -19.25 -4.56 5.70
CA SER B 337 -20.70 -4.57 5.66
C SER B 337 -21.26 -5.63 6.59
N VAL B 338 -22.46 -5.37 7.11
CA VAL B 338 -23.25 -6.36 7.83
C VAL B 338 -24.62 -6.47 7.13
N GLN B 339 -25.29 -7.60 7.34
CA GLN B 339 -26.57 -7.90 6.69
C GLN B 339 -27.75 -7.42 7.50
N SER B 340 -28.60 -6.62 6.86
CA SER B 340 -29.88 -6.22 7.43
C SER B 340 -30.84 -7.41 7.46
N ALA B 341 -31.83 -7.32 8.37
CA ALA B 341 -32.85 -8.38 8.50
C ALA B 341 -33.43 -8.82 7.16
N ASP B 342 -33.70 -7.86 6.27
CA ASP B 342 -34.21 -8.18 4.95
C ASP B 342 -33.08 -8.38 3.93
N GLY B 343 -31.85 -8.58 4.38
CA GLY B 343 -30.81 -9.06 3.50
C GLY B 343 -30.04 -8.02 2.71
N GLN B 344 -30.07 -6.76 3.12
CA GLN B 344 -29.23 -5.77 2.47
C GLN B 344 -27.85 -5.73 3.10
N ALA B 345 -26.85 -5.42 2.29
CA ALA B 345 -25.50 -5.15 2.79
C ALA B 345 -25.50 -3.75 3.37
N LEU B 346 -25.31 -3.65 4.68
CA LEU B 346 -25.32 -2.37 5.37
C LEU B 346 -23.89 -1.88 5.58
N PHE B 347 -23.64 -0.61 5.27
CA PHE B 347 -22.32 -0.01 5.45
C PHE B 347 -22.03 0.12 6.96
N ALA B 348 -21.21 -0.78 7.51
CA ALA B 348 -20.99 -0.81 8.94
C ALA B 348 -19.89 0.15 9.39
N LEU B 349 -18.72 0.11 8.74
CA LEU B 349 -17.58 0.97 9.10
C LEU B 349 -16.53 0.92 8.01
N SER B 350 -15.77 1.99 7.87
CA SER B 350 -14.56 1.99 7.06
C SER B 350 -13.34 2.13 7.97
N TYR B 351 -12.18 1.74 7.46
CA TYR B 351 -10.99 1.64 8.28
C TYR B 351 -9.77 1.68 7.37
N GLU B 352 -8.62 1.26 7.90
CA GLU B 352 -7.41 1.16 7.12
C GLU B 352 -6.91 -0.27 7.22
N ASN B 353 -6.42 -0.81 6.07
CA ASN B 353 -5.77 -2.12 6.10
C ASN B 353 -4.39 -1.96 5.45
N PRO B 354 -3.57 -3.02 5.34
CA PRO B 354 -2.23 -2.83 4.74
C PRO B 354 -2.26 -2.24 3.34
N ARG B 355 -3.24 -2.59 2.51
CA ARG B 355 -3.30 -2.00 1.19
C ARG B 355 -3.48 -0.49 1.27
N SER B 356 -4.44 -0.02 2.09
CA SER B 356 -4.75 1.40 2.13
C SER B 356 -3.66 2.21 2.82
N VAL B 357 -2.92 1.59 3.74
CA VAL B 357 -1.80 2.29 4.35
C VAL B 357 -0.67 2.46 3.33
N ALA B 358 -0.36 1.40 2.59
CA ALA B 358 0.68 1.50 1.58
C ALA B 358 0.35 2.53 0.52
N ILE B 359 -0.94 2.69 0.19
CA ILE B 359 -1.34 3.73 -0.76
C ILE B 359 -1.08 5.12 -0.18
N LYS B 360 -1.40 5.33 1.09
CA LYS B 360 -1.20 6.66 1.66
C LYS B 360 0.28 6.99 1.79
N ALA B 361 1.10 6.01 2.15
CA ALA B 361 2.55 6.18 2.11
C ALA B 361 3.00 6.53 0.70
N ASP B 362 2.45 5.88 -0.31
CA ASP B 362 2.73 6.28 -1.68
C ASP B 362 2.28 7.72 -1.95
N TYR B 363 1.12 8.10 -1.41
CA TYR B 363 0.67 9.49 -1.53
C TYR B 363 1.67 10.45 -0.90
N ILE B 364 2.20 10.08 0.27
CA ILE B 364 3.13 10.96 0.97
C ILE B 364 4.38 11.18 0.13
N LYS B 365 4.84 10.15 -0.58
CA LYS B 365 6.06 10.33 -1.36
C LYS B 365 5.79 11.24 -2.55
N SER B 366 4.70 10.99 -3.27
CA SER B 366 4.48 11.70 -4.53
C SER B 366 4.03 13.13 -4.28
N LYS B 367 3.40 13.40 -3.14
CA LYS B 367 3.07 14.77 -2.79
C LYS B 367 4.26 15.52 -2.21
N GLY B 368 5.36 14.83 -1.93
CA GLY B 368 6.48 15.49 -1.29
C GLY B 368 6.25 15.86 0.16
N LEU B 369 5.41 15.11 0.89
CA LEU B 369 5.19 15.38 2.30
C LEU B 369 6.39 14.93 3.14
N GLY B 370 6.44 15.43 4.38
CA GLY B 370 7.54 15.10 5.27
C GLY B 370 7.49 13.66 5.75
N GLY B 371 6.32 13.07 5.78
CA GLY B 371 6.17 11.69 6.19
C GLY B 371 4.74 11.41 6.61
N ALA B 372 4.60 10.45 7.51
CA ALA B 372 3.30 10.10 8.05
C ALA B 372 3.29 10.31 9.56
N MET B 373 2.08 10.45 10.09
CA MET B 373 1.82 10.30 11.51
C MET B 373 0.72 9.25 11.60
N PHE B 374 0.69 8.48 12.70
CA PHE B 374 -0.40 7.53 12.83
C PHE B 374 -0.94 7.46 14.25
N TRP B 375 -2.23 7.13 14.35
CA TRP B 375 -2.95 6.91 15.59
C TRP B 375 -3.53 5.51 15.60
N GLU B 376 -3.02 4.64 16.45
CA GLU B 376 -1.88 4.70 17.35
C GLU B 376 -1.46 3.27 17.61
N TYR B 377 -0.28 3.11 18.20
CA TYR B 377 0.31 1.79 18.41
C TYR B 377 -0.66 0.82 19.09
N GLY B 378 -1.34 1.28 20.13
CA GLY B 378 -2.28 0.44 20.86
C GLY B 378 -3.41 -0.09 20.01
N ALA B 379 -3.69 0.54 18.86
CA ALA B 379 -4.78 0.05 18.03
C ALA B 379 -4.29 -0.91 16.96
N ASP B 380 -2.99 -0.91 16.70
CA ASP B 380 -2.43 -1.74 15.65
C ASP B 380 -2.52 -3.22 16.07
N ASP B 381 -2.36 -4.09 15.08
CA ASP B 381 -2.39 -5.53 15.31
C ASP B 381 -0.97 -6.08 15.17
N GLN B 382 -0.29 -6.23 16.30
CA GLN B 382 1.10 -6.69 16.35
C GLN B 382 1.99 -5.84 15.44
N ASN B 383 1.79 -4.52 15.48
CA ASN B 383 2.62 -3.57 14.76
C ASN B 383 2.49 -3.71 13.24
N GLN B 384 1.44 -4.42 12.75
CA GLN B 384 1.34 -4.75 11.33
C GLN B 384 1.21 -3.50 10.44
N LEU B 385 0.27 -2.60 10.76
CA LEU B 385 0.14 -1.39 9.94
C LEU B 385 1.36 -0.48 10.10
N ALA B 386 1.98 -0.46 11.29
CA ALA B 386 3.20 0.30 11.47
C ALA B 386 4.33 -0.25 10.61
N LYS B 387 4.46 -1.58 10.55
CA LYS B 387 5.47 -2.21 9.69
C LYS B 387 5.21 -1.92 8.22
N GLN B 388 3.93 -2.05 7.80
CA GLN B 388 3.57 -1.75 6.42
C GLN B 388 3.93 -0.32 6.08
N LEU B 389 3.62 0.60 6.99
CA LEU B 389 3.90 2.02 6.77
C LEU B 389 5.39 2.25 6.64
N ALA B 390 6.19 1.64 7.53
CA ALA B 390 7.63 1.82 7.47
C ALA B 390 8.20 1.29 6.14
N GLU B 391 7.81 0.08 5.74
CA GLU B 391 8.30 -0.48 4.48
C GLU B 391 7.91 0.41 3.30
N SER B 392 6.65 0.84 3.23
CA SER B 392 6.22 1.61 2.06
C SER B 392 6.88 2.99 2.02
N LEU B 393 7.21 3.55 3.18
CA LEU B 393 7.91 4.83 3.19
C LEU B 393 9.42 4.70 2.97
N GLY B 394 9.95 3.48 2.93
CA GLY B 394 11.38 3.28 2.81
C GLY B 394 12.22 3.72 4.02
N ILE B 395 11.71 3.53 5.23
CA ILE B 395 12.36 4.01 6.44
C ILE B 395 13.36 2.98 6.94
N LYS B 396 14.57 3.43 7.27
CA LYS B 396 15.65 2.56 7.73
C LYS B 396 16.14 2.93 9.12
#